data_4O43
#
_entry.id   4O43
#
_cell.length_a   48.060
_cell.length_b   113.943
_cell.length_c   81.566
_cell.angle_alpha   90.00
_cell.angle_beta   100.31
_cell.angle_gamma   90.00
#
_symmetry.space_group_name_H-M   'P 1 21 1'
#
loop_
_entity.id
_entity.type
_entity.pdbx_description
1 polymer 'Exonuclease, putative'
2 non-polymer 'MANGANESE (II) ION'
3 non-polymer (5~{E})-3-[(2~{R})-butan-2-yl]-5-[(4-hydroxyphenyl)methylidene]-2-sulfanylidene-1,3-thiazolidin-4-one
4 water water
#
_entity_poly.entity_id   1
_entity_poly.type   'polypeptide(L)'
_entity_poly.pdbx_seq_one_letter_code
;MGSDKIHHHHHHVINLKELKILHTSDWHLGVTSWTSSRPVDRREELKKALDKVVEEAEKREVDLILLTGDLLHSRNNPSV
VALHDLLDYLKRMMRTAPVVVLPGNHDWKGLKLFGNFVTSISSDITFVMSFEPVDVEAKRGQKVRILPFPYPDESEALRK
NEGDFRFFLESRLNKLYEEALKKEDFAIFMGHFTVEGLAGYAGIEQGREIIINRALIPSVVDYAALGHIHSFREIQKQPL
TIYPGSLIRIDFGEEADEKGAVFVELKRGEPPRYERIDASPLPLKTLYYKKIDTSALKSIRDFCRNFPGYVRVVYEEDSG
ILPDLMGEIDNLVKIE
;
_entity_poly.pdbx_strand_id   A,B
#
# COMPACT_ATOMS: atom_id res chain seq x y z
N ILE A 6 -5.99 -3.91 -31.23
CA ILE A 6 -6.37 -2.93 -30.22
C ILE A 6 -5.51 -3.04 -28.97
N HIS A 7 -4.36 -2.36 -28.99
CA HIS A 7 -3.45 -2.37 -27.85
C HIS A 7 -3.96 -1.43 -26.75
N HIS A 8 -3.26 -1.43 -25.62
CA HIS A 8 -3.63 -0.58 -24.50
C HIS A 8 -2.42 0.11 -23.88
N HIS A 9 -1.34 0.20 -24.65
CA HIS A 9 -0.14 0.88 -24.19
C HIS A 9 -0.05 2.29 -24.79
N HIS A 10 1.02 3.00 -24.44
CA HIS A 10 1.19 4.39 -24.89
C HIS A 10 1.50 4.45 -26.38
N HIS A 11 1.05 5.53 -27.03
CA HIS A 11 1.38 5.76 -28.43
C HIS A 11 2.75 6.43 -28.54
N HIS A 12 3.27 6.51 -29.75
CA HIS A 12 4.58 7.13 -29.97
C HIS A 12 4.59 7.93 -31.26
N VAL A 13 3.97 9.12 -31.22
CA VAL A 13 3.90 9.99 -32.38
C VAL A 13 5.20 10.79 -32.51
N ILE A 14 5.80 10.74 -33.69
CA ILE A 14 7.05 11.47 -33.94
C ILE A 14 6.80 12.97 -34.02
N ASN A 15 7.73 13.75 -33.47
CA ASN A 15 7.67 15.21 -33.51
C ASN A 15 6.41 15.80 -32.90
N LEU A 16 5.80 15.07 -31.96
CA LEU A 16 4.60 15.55 -31.29
C LEU A 16 4.96 16.62 -30.26
N LYS A 17 4.34 17.78 -30.37
CA LYS A 17 4.67 18.91 -29.52
C LYS A 17 3.45 19.45 -28.78
N GLU A 18 2.51 18.56 -28.47
CA GLU A 18 1.33 18.93 -27.73
C GLU A 18 1.13 18.05 -26.50
N LEU A 19 0.38 18.54 -25.51
CA LEU A 19 0.16 17.81 -24.28
C LEU A 19 -1.15 18.23 -23.62
N LYS A 20 -2.13 17.32 -23.61
CA LYS A 20 -3.40 17.58 -22.95
C LYS A 20 -3.40 17.05 -21.52
N ILE A 21 -3.69 17.93 -20.57
CA ILE A 21 -3.58 17.60 -19.15
C ILE A 21 -4.91 17.73 -18.40
N LEU A 22 -5.24 16.73 -17.61
CA LEU A 22 -6.37 16.81 -16.69
C LEU A 22 -5.86 17.03 -15.27
N HIS A 23 -6.25 18.14 -14.67
CA HIS A 23 -5.80 18.47 -13.32
C HIS A 23 -6.97 18.59 -12.35
N THR A 24 -7.09 17.63 -11.45
CA THR A 24 -8.11 17.67 -10.40
C THR A 24 -7.47 17.48 -9.04
N SER A 25 -8.09 18.04 -8.01
CA SER A 25 -7.48 18.05 -6.68
C SER A 25 -8.50 18.07 -5.55
N ASP A 26 -8.03 17.72 -4.35
CA ASP A 26 -8.83 17.83 -3.13
C ASP A 26 -10.17 17.11 -3.20
N TRP A 27 -10.13 15.81 -3.44
CA TRP A 27 -11.35 15.01 -3.53
C TRP A 27 -12.01 14.88 -2.17
N HIS A 28 -11.19 14.77 -1.12
CA HIS A 28 -11.68 14.59 0.25
C HIS A 28 -12.59 13.38 0.39
N LEU A 29 -12.14 12.23 -0.10
CA LEU A 29 -12.91 11.00 -0.02
C LEU A 29 -13.12 10.54 1.42
N GLY A 30 -14.36 10.19 1.75
CA GLY A 30 -14.69 9.67 3.06
C GLY A 30 -15.15 10.75 4.04
N VAL A 31 -15.41 11.94 3.52
CA VAL A 31 -15.80 13.06 4.37
C VAL A 31 -17.27 12.99 4.78
N THR A 32 -17.55 13.30 6.04
CA THR A 32 -18.91 13.42 6.53
C THR A 32 -19.09 14.83 7.10
N SER A 33 -19.95 15.61 6.48
CA SER A 33 -20.08 17.03 6.82
C SER A 33 -21.05 17.27 7.97
N TRP A 34 -20.73 18.29 8.78
CA TRP A 34 -21.60 18.77 9.85
C TRP A 34 -21.97 17.68 10.86
N THR A 35 -20.96 16.98 11.38
CA THR A 35 -21.19 15.90 12.33
C THR A 35 -21.71 16.40 13.66
N SER A 36 -21.46 17.68 13.95
CA SER A 36 -21.88 18.27 15.22
C SER A 36 -23.32 18.75 15.20
N SER A 37 -23.89 18.88 14.00
CA SER A 37 -25.27 19.33 13.85
C SER A 37 -26.14 18.26 13.21
N ARG A 38 -25.85 17.94 11.95
CA ARG A 38 -26.56 16.88 11.25
C ARG A 38 -25.63 16.19 10.24
N PRO A 39 -25.07 15.03 10.62
CA PRO A 39 -24.11 14.29 9.80
C PRO A 39 -24.66 13.95 8.41
N VAL A 40 -23.92 14.31 7.38
CA VAL A 40 -24.32 14.00 6.00
C VAL A 40 -23.15 13.37 5.24
N ASP A 41 -23.34 12.13 4.81
CA ASP A 41 -22.32 11.44 4.04
C ASP A 41 -22.29 11.97 2.61
N ARG A 42 -21.15 12.52 2.22
CA ARG A 42 -21.03 13.19 0.92
C ARG A 42 -20.54 12.23 -0.17
N ARG A 43 -20.51 10.94 0.13
CA ARG A 43 -19.95 9.95 -0.78
C ARG A 43 -20.67 9.86 -2.12
N GLU A 44 -22.00 9.80 -2.10
CA GLU A 44 -22.78 9.69 -3.31
C GLU A 44 -22.61 10.91 -4.22
N GLU A 45 -22.60 12.08 -3.61
CA GLU A 45 -22.40 13.33 -4.35
C GLU A 45 -20.97 13.40 -4.90
N LEU A 46 -20.01 13.01 -4.07
CA LEU A 46 -18.60 13.06 -4.43
C LEU A 46 -18.26 12.09 -5.56
N LYS A 47 -18.81 10.88 -5.47
CA LYS A 47 -18.59 9.86 -6.49
C LYS A 47 -19.22 10.28 -7.82
N LYS A 48 -20.37 10.93 -7.74
CA LYS A 48 -21.05 11.41 -8.94
C LYS A 48 -20.22 12.50 -9.62
N ALA A 49 -19.62 13.37 -8.83
CA ALA A 49 -18.74 14.41 -9.35
C ALA A 49 -17.46 13.81 -9.92
N LEU A 50 -16.96 12.78 -9.25
CA LEU A 50 -15.75 12.07 -9.70
C LEU A 50 -15.97 11.36 -11.02
N ASP A 51 -17.16 10.79 -11.20
CA ASP A 51 -17.50 10.10 -12.44
C ASP A 51 -17.52 11.08 -13.61
N LYS A 52 -17.99 12.29 -13.36
CA LYS A 52 -18.08 13.31 -14.41
C LYS A 52 -16.70 13.77 -14.86
N VAL A 53 -15.75 13.80 -13.93
CA VAL A 53 -14.38 14.19 -14.24
C VAL A 53 -13.69 13.11 -15.05
N VAL A 54 -13.91 11.86 -14.67
CA VAL A 54 -13.34 10.72 -15.39
C VAL A 54 -13.85 10.67 -16.84
N GLU A 55 -15.16 10.85 -17.01
CA GLU A 55 -15.76 10.83 -18.34
C GLU A 55 -15.21 11.93 -19.23
N GLU A 56 -14.99 13.11 -18.64
CA GLU A 56 -14.44 14.23 -19.39
C GLU A 56 -12.98 14.02 -19.79
N ALA A 57 -12.26 13.21 -19.00
CA ALA A 57 -10.89 12.87 -19.32
C ALA A 57 -10.85 11.97 -20.54
N GLU A 58 -11.81 11.06 -20.63
CA GLU A 58 -11.92 10.15 -21.76
C GLU A 58 -12.54 10.84 -22.96
N LYS A 59 -13.33 11.88 -22.68
CA LYS A 59 -13.97 12.67 -23.73
C LYS A 59 -12.93 13.48 -24.52
N ARG A 60 -12.04 14.16 -23.80
CA ARG A 60 -11.05 15.02 -24.42
C ARG A 60 -9.76 14.25 -24.74
N GLU A 61 -9.73 12.98 -24.35
CA GLU A 61 -8.56 12.13 -24.55
C GLU A 61 -7.26 12.75 -24.04
N VAL A 62 -7.22 13.03 -22.74
CA VAL A 62 -6.05 13.65 -22.12
C VAL A 62 -4.80 12.79 -22.26
N ASP A 63 -3.65 13.45 -22.26
CA ASP A 63 -2.37 12.75 -22.39
C ASP A 63 -1.77 12.43 -21.03
N LEU A 64 -2.05 13.29 -20.05
CA LEU A 64 -1.50 13.13 -18.72
C LEU A 64 -2.50 13.59 -17.66
N ILE A 65 -2.55 12.87 -16.54
CA ILE A 65 -3.46 13.22 -15.46
C ILE A 65 -2.69 13.57 -14.18
N LEU A 66 -2.94 14.75 -13.64
CA LEU A 66 -2.24 15.22 -12.45
C LEU A 66 -3.19 15.25 -11.25
N LEU A 67 -2.73 14.71 -10.13
CA LEU A 67 -3.53 14.70 -8.90
C LEU A 67 -2.79 15.37 -7.76
N THR A 68 -3.41 16.36 -7.14
CA THR A 68 -2.82 17.08 -6.03
C THR A 68 -3.81 17.22 -4.86
N GLY A 69 -3.36 17.83 -3.78
CA GLY A 69 -4.21 18.08 -2.64
C GLY A 69 -4.55 16.84 -1.84
N ASP A 70 -5.53 16.97 -0.95
CA ASP A 70 -5.95 15.86 -0.10
C ASP A 70 -7.05 15.03 -0.75
N LEU A 71 -6.66 13.91 -1.35
CA LEU A 71 -7.61 12.99 -1.98
C LEU A 71 -8.44 12.28 -0.90
N LEU A 72 -7.84 12.10 0.27
CA LEU A 72 -8.53 11.51 1.41
C LEU A 72 -8.78 12.58 2.47
N HIS A 73 -9.99 12.60 3.01
CA HIS A 73 -10.35 13.59 4.02
C HIS A 73 -9.61 13.34 5.34
N SER A 74 -9.53 12.08 5.73
CA SER A 74 -8.84 11.71 6.96
C SER A 74 -7.34 11.54 6.69
N ARG A 75 -6.53 12.28 7.43
CA ARG A 75 -5.08 12.29 7.21
C ARG A 75 -4.42 10.96 7.58
N ASN A 76 -4.67 10.50 8.80
CA ASN A 76 -3.99 9.30 9.30
C ASN A 76 -4.94 8.17 9.71
N ASN A 77 -6.20 8.26 9.30
CA ASN A 77 -7.16 7.19 9.57
C ASN A 77 -8.31 7.14 8.57
N PRO A 78 -8.03 6.77 7.32
CA PRO A 78 -9.08 6.68 6.30
C PRO A 78 -9.87 5.38 6.43
N SER A 79 -11.18 5.46 6.22
CA SER A 79 -12.02 4.27 6.30
C SER A 79 -11.74 3.31 5.15
N VAL A 80 -12.22 2.08 5.29
CA VAL A 80 -12.06 1.07 4.25
C VAL A 80 -12.76 1.51 2.98
N VAL A 81 -13.93 2.14 3.16
CA VAL A 81 -14.71 2.62 2.02
C VAL A 81 -13.96 3.74 1.29
N ALA A 82 -13.37 4.65 2.05
CA ALA A 82 -12.62 5.76 1.47
C ALA A 82 -11.40 5.26 0.69
N LEU A 83 -10.67 4.31 1.28
CA LEU A 83 -9.53 3.71 0.61
C LEU A 83 -9.93 2.98 -0.65
N HIS A 84 -11.07 2.29 -0.59
CA HIS A 84 -11.59 1.54 -1.73
C HIS A 84 -11.91 2.47 -2.89
N ASP A 85 -12.58 3.57 -2.60
CA ASP A 85 -12.95 4.55 -3.62
C ASP A 85 -11.72 5.20 -4.24
N LEU A 86 -10.70 5.47 -3.41
CA LEU A 86 -9.46 6.06 -3.90
C LEU A 86 -8.78 5.15 -4.91
N LEU A 87 -8.57 3.90 -4.52
CA LEU A 87 -7.96 2.92 -5.40
C LEU A 87 -8.82 2.66 -6.63
N ASP A 88 -10.13 2.78 -6.47
CA ASP A 88 -11.07 2.59 -7.57
C ASP A 88 -10.84 3.66 -8.64
N TYR A 89 -10.98 4.92 -8.26
CA TYR A 89 -10.85 6.02 -9.21
C TYR A 89 -9.42 6.21 -9.70
N LEU A 90 -8.44 5.78 -8.91
CA LEU A 90 -7.05 5.80 -9.36
C LEU A 90 -6.89 4.87 -10.56
N LYS A 91 -7.47 3.66 -10.46
CA LYS A 91 -7.43 2.71 -11.56
C LYS A 91 -8.20 3.23 -12.77
N ARG A 92 -9.32 3.90 -12.52
CA ARG A 92 -10.12 4.48 -13.59
C ARG A 92 -9.34 5.55 -14.33
N MET A 93 -8.55 6.31 -13.60
CA MET A 93 -7.70 7.34 -14.18
C MET A 93 -6.62 6.72 -15.06
N MET A 94 -6.06 5.60 -14.58
CA MET A 94 -4.96 4.93 -15.28
C MET A 94 -5.39 4.31 -16.61
N ARG A 95 -6.65 3.91 -16.69
CA ARG A 95 -7.18 3.35 -17.94
C ARG A 95 -7.31 4.44 -18.99
N THR A 96 -7.41 5.68 -18.54
CA THR A 96 -7.54 6.82 -19.44
C THR A 96 -6.18 7.32 -19.89
N ALA A 97 -5.36 7.73 -18.92
CA ALA A 97 -4.05 8.31 -19.21
C ALA A 97 -3.11 8.06 -18.04
N PRO A 98 -1.78 8.17 -18.27
CA PRO A 98 -0.81 8.07 -17.18
C PRO A 98 -1.10 9.09 -16.07
N VAL A 99 -0.89 8.69 -14.83
CA VAL A 99 -1.25 9.51 -13.68
C VAL A 99 -0.03 9.89 -12.85
N VAL A 100 0.02 11.14 -12.41
CA VAL A 100 1.06 11.60 -11.50
C VAL A 100 0.43 12.15 -10.23
N VAL A 101 0.76 11.53 -9.09
CA VAL A 101 0.13 11.87 -7.83
C VAL A 101 1.09 12.53 -6.84
N LEU A 102 0.71 13.70 -6.35
CA LEU A 102 1.46 14.37 -5.29
C LEU A 102 0.64 14.37 -4.01
N PRO A 103 0.89 13.37 -3.13
CA PRO A 103 0.11 13.19 -1.90
C PRO A 103 0.27 14.36 -0.93
N GLY A 104 -0.78 14.64 -0.16
CA GLY A 104 -0.73 15.69 0.83
C GLY A 104 -0.17 15.20 2.15
N ASN A 105 -0.83 15.55 3.25
CA ASN A 105 -0.41 15.09 4.57
C ASN A 105 -1.03 13.73 4.92
N HIS A 106 -0.18 12.80 5.32
CA HIS A 106 -0.61 11.44 5.61
C HIS A 106 -0.09 10.95 6.96
N ASP A 107 1.08 11.44 7.35
CA ASP A 107 1.68 11.12 8.64
C ASP A 107 2.00 9.64 8.84
N TRP A 108 1.99 8.87 7.76
CA TRP A 108 2.37 7.46 7.82
C TRP A 108 3.68 7.25 7.07
N LYS A 109 4.66 6.65 7.74
CA LYS A 109 5.97 6.43 7.14
C LYS A 109 5.95 5.32 6.09
N GLY A 110 5.05 4.37 6.25
CA GLY A 110 4.96 3.26 5.33
C GLY A 110 4.40 3.63 3.97
N LEU A 111 3.81 4.81 3.88
CA LEU A 111 3.18 5.25 2.64
C LEU A 111 4.19 5.53 1.54
N LYS A 112 5.34 6.07 1.91
CA LYS A 112 6.39 6.38 0.94
C LYS A 112 6.96 5.10 0.35
N LEU A 113 7.02 4.05 1.15
CA LEU A 113 7.50 2.76 0.69
C LEU A 113 6.54 2.17 -0.35
N PHE A 114 5.26 2.16 -0.03
CA PHE A 114 4.24 1.65 -0.95
C PHE A 114 4.15 2.52 -2.20
N GLY A 115 4.37 3.82 -2.03
CA GLY A 115 4.35 4.76 -3.15
C GLY A 115 5.45 4.47 -4.15
N ASN A 116 6.66 4.22 -3.64
CA ASN A 116 7.78 3.89 -4.49
C ASN A 116 7.62 2.52 -5.14
N PHE A 117 6.99 1.61 -4.43
CA PHE A 117 6.76 0.26 -4.94
C PHE A 117 5.78 0.29 -6.11
N VAL A 118 4.65 0.95 -5.92
CA VAL A 118 3.64 1.08 -6.97
C VAL A 118 4.20 1.78 -8.21
N THR A 119 4.98 2.84 -7.98
CA THR A 119 5.62 3.57 -9.07
C THR A 119 6.58 2.70 -9.86
N SER A 120 7.28 1.82 -9.16
CA SER A 120 8.28 0.95 -9.78
C SER A 120 7.67 -0.16 -10.63
N ILE A 121 6.49 -0.64 -10.23
CA ILE A 121 5.88 -1.78 -10.90
C ILE A 121 4.92 -1.38 -12.01
N SER A 122 4.64 -0.09 -12.13
CA SER A 122 3.71 0.39 -13.14
C SER A 122 4.29 1.51 -13.99
N SER A 123 3.82 1.61 -15.23
CA SER A 123 4.27 2.65 -16.14
C SER A 123 3.15 3.64 -16.44
N ASP A 124 2.06 3.54 -15.67
CA ASP A 124 0.91 4.40 -15.88
C ASP A 124 0.51 5.16 -14.62
N ILE A 125 1.32 5.05 -13.59
CA ILE A 125 1.12 5.84 -12.37
C ILE A 125 2.45 6.14 -11.67
N THR A 126 2.58 7.36 -11.18
CA THR A 126 3.81 7.80 -10.54
C THR A 126 3.52 8.61 -9.29
N PHE A 127 4.12 8.20 -8.18
CA PHE A 127 3.96 8.92 -6.92
C PHE A 127 5.19 9.76 -6.58
N VAL A 128 5.02 11.07 -6.58
CA VAL A 128 6.09 11.98 -6.18
C VAL A 128 5.96 12.36 -4.71
N MET A 129 6.83 11.81 -3.88
CA MET A 129 6.77 12.04 -2.43
C MET A 129 8.08 12.60 -1.89
N SER A 130 8.80 13.31 -2.75
CA SER A 130 10.04 13.98 -2.36
C SER A 130 10.27 15.19 -3.27
N PHE A 131 11.43 15.82 -3.13
CA PHE A 131 11.78 16.95 -3.97
C PHE A 131 12.51 16.52 -5.22
N GLU A 132 12.78 15.22 -5.32
CA GLU A 132 13.46 14.66 -6.48
C GLU A 132 12.60 14.74 -7.73
N PRO A 133 13.12 15.40 -8.78
CA PRO A 133 12.42 15.48 -10.06
C PRO A 133 12.35 14.12 -10.74
N VAL A 134 11.22 13.81 -11.36
CA VAL A 134 11.08 12.57 -12.09
C VAL A 134 10.60 12.83 -13.52
N ASP A 135 11.06 12.00 -14.45
CA ASP A 135 10.60 12.09 -15.82
C ASP A 135 9.55 11.02 -16.09
N VAL A 136 8.43 11.43 -16.69
CA VAL A 136 7.35 10.50 -16.99
C VAL A 136 6.99 10.56 -18.46
N GLU A 137 6.33 9.50 -18.95
CA GLU A 137 5.90 9.43 -20.33
C GLU A 137 4.38 9.58 -20.43
N ALA A 138 3.92 10.50 -21.26
CA ALA A 138 2.50 10.75 -21.41
C ALA A 138 1.84 9.69 -22.29
N LYS A 139 0.54 9.85 -22.53
CA LYS A 139 -0.25 8.87 -23.27
C LYS A 139 0.24 8.67 -24.70
N ARG A 140 0.66 9.75 -25.34
CA ARG A 140 1.11 9.68 -26.73
C ARG A 140 2.63 9.73 -26.84
N GLY A 141 3.32 9.44 -25.75
CA GLY A 141 4.77 9.34 -25.75
C GLY A 141 5.50 10.64 -25.49
N GLN A 142 4.80 11.64 -24.98
CA GLN A 142 5.42 12.91 -24.65
C GLN A 142 6.34 12.77 -23.43
N LYS A 143 7.53 13.36 -23.52
CA LYS A 143 8.46 13.37 -22.40
C LYS A 143 8.14 14.51 -21.45
N VAL A 144 7.69 14.17 -20.25
CA VAL A 144 7.28 15.18 -19.28
C VAL A 144 8.09 15.10 -17.99
N ARG A 145 8.80 16.18 -17.68
CA ARG A 145 9.58 16.25 -16.45
C ARG A 145 8.77 16.91 -15.33
N ILE A 146 8.60 16.18 -14.23
CA ILE A 146 7.83 16.69 -13.10
C ILE A 146 8.74 17.27 -12.03
N LEU A 147 8.47 18.51 -11.64
CA LEU A 147 9.21 19.17 -10.58
C LEU A 147 8.33 19.26 -9.33
N PRO A 148 8.46 18.27 -8.43
CA PRO A 148 7.58 18.15 -7.27
C PRO A 148 8.00 19.02 -6.09
N PHE A 149 7.04 19.70 -5.49
CA PHE A 149 7.29 20.42 -4.25
C PHE A 149 6.28 19.97 -3.21
N PRO A 150 6.54 18.83 -2.56
CA PRO A 150 5.64 18.28 -1.56
C PRO A 150 5.74 19.05 -0.25
N TYR A 151 4.89 18.70 0.71
CA TYR A 151 4.95 19.33 2.03
C TYR A 151 6.28 19.00 2.69
N PRO A 152 6.95 20.03 3.23
CA PRO A 152 8.28 19.90 3.85
C PRO A 152 8.31 18.86 4.96
N ASP A 153 9.25 17.91 4.86
CA ASP A 153 9.41 16.88 5.88
C ASP A 153 10.64 17.14 6.74
N GLU A 154 11.22 16.06 7.28
CA GLU A 154 12.39 16.14 8.14
C GLU A 154 12.16 17.03 9.36
N SER A 155 10.92 17.04 9.85
CA SER A 155 10.54 17.80 11.04
C SER A 155 10.84 19.30 10.91
N GLU A 156 10.96 19.78 9.68
CA GLU A 156 11.19 21.20 9.44
C GLU A 156 9.90 21.98 9.63
N ALA A 157 8.78 21.34 9.32
CA ALA A 157 7.48 21.97 9.54
C ALA A 157 7.18 22.03 11.03
N LEU A 158 7.60 21.00 11.76
CA LEU A 158 7.38 20.95 13.20
C LEU A 158 8.29 21.93 13.94
N ARG A 159 9.56 21.99 13.54
CA ARG A 159 10.52 22.85 14.21
C ARG A 159 11.62 23.35 13.28
N LYS A 160 11.59 24.65 13.00
CA LYS A 160 12.62 25.27 12.17
C LYS A 160 12.65 26.77 12.40
N ASN A 161 13.85 27.34 12.32
CA ASN A 161 14.02 28.78 12.45
C ASN A 161 13.39 29.52 11.26
N GLU A 162 12.77 30.66 11.55
CA GLU A 162 12.05 31.42 10.54
C GLU A 162 12.92 31.90 9.39
N GLY A 163 14.21 32.07 9.67
CA GLY A 163 15.15 32.54 8.65
C GLY A 163 15.60 31.42 7.72
N ASP A 164 16.07 30.33 8.31
CA ASP A 164 16.59 29.20 7.54
C ASP A 164 15.50 28.48 6.75
N PHE A 165 14.33 28.32 7.38
CA PHE A 165 13.23 27.59 6.78
C PHE A 165 12.74 28.27 5.51
N ARG A 166 12.58 29.59 5.59
CA ARG A 166 12.18 30.37 4.41
C ARG A 166 13.27 30.32 3.34
N PHE A 167 14.52 30.29 3.79
CA PHE A 167 15.66 30.18 2.88
C PHE A 167 15.77 28.74 2.36
N PHE A 168 15.30 27.79 3.16
CA PHE A 168 15.27 26.39 2.76
C PHE A 168 14.28 26.18 1.62
N LEU A 169 13.12 26.82 1.74
CA LEU A 169 12.08 26.72 0.72
C LEU A 169 12.54 27.35 -0.59
N GLU A 170 13.20 28.50 -0.50
CA GLU A 170 13.72 29.18 -1.68
C GLU A 170 14.81 28.37 -2.36
N SER A 171 15.68 27.76 -1.56
CA SER A 171 16.77 26.94 -2.07
CA SER A 171 16.77 26.94 -2.08
C SER A 171 16.23 25.75 -2.86
N ARG A 172 15.19 25.11 -2.30
CA ARG A 172 14.55 23.97 -2.96
C ARG A 172 13.93 24.39 -4.28
N LEU A 173 13.28 25.55 -4.28
CA LEU A 173 12.66 26.09 -5.48
C LEU A 173 13.70 26.45 -6.54
N ASN A 174 14.85 26.94 -6.08
CA ASN A 174 15.94 27.28 -6.98
C ASN A 174 16.49 26.05 -7.70
N LYS A 175 16.62 24.96 -6.96
CA LYS A 175 17.11 23.71 -7.53
C LYS A 175 16.10 23.12 -8.51
N LEU A 176 14.82 23.32 -8.22
CA LEU A 176 13.76 22.89 -9.13
C LEU A 176 13.80 23.69 -10.41
N TYR A 177 14.19 24.95 -10.31
CA TYR A 177 14.33 25.82 -11.47
C TYR A 177 15.47 25.34 -12.36
N GLU A 178 16.62 25.06 -11.74
CA GLU A 178 17.80 24.60 -12.47
C GLU A 178 17.54 23.27 -13.17
N GLU A 179 16.75 22.42 -12.52
CA GLU A 179 16.43 21.10 -13.07
C GLU A 179 15.29 21.17 -14.08
N ALA A 180 14.54 22.27 -14.05
CA ALA A 180 13.47 22.49 -15.02
C ALA A 180 14.05 22.88 -16.38
N LEU A 181 15.26 23.43 -16.35
CA LEU A 181 15.97 23.79 -17.58
C LEU A 181 16.56 22.54 -18.23
N LYS A 182 16.66 21.48 -17.44
CA LYS A 182 17.22 20.22 -17.91
C LYS A 182 16.11 19.31 -18.40
N LYS A 183 15.13 19.90 -19.07
CA LYS A 183 13.95 19.16 -19.55
C LYS A 183 14.10 18.72 -21.00
N GLU A 184 13.37 17.67 -21.37
CA GLU A 184 13.33 17.22 -22.75
C GLU A 184 12.30 18.01 -23.55
N ASP A 185 11.03 17.78 -23.24
CA ASP A 185 9.93 18.45 -23.93
C ASP A 185 9.18 19.40 -22.98
N PHE A 186 8.35 18.83 -22.12
CA PHE A 186 7.54 19.62 -21.21
C PHE A 186 8.03 19.50 -19.76
N ALA A 187 7.71 20.51 -18.96
CA ALA A 187 8.06 20.51 -17.54
C ALA A 187 6.89 20.99 -16.70
N ILE A 188 6.42 20.15 -15.80
CA ILE A 188 5.26 20.48 -14.98
C ILE A 188 5.64 20.59 -13.50
N PHE A 189 5.22 21.69 -12.87
CA PHE A 189 5.48 21.90 -11.45
C PHE A 189 4.28 21.47 -10.62
N MET A 190 4.54 20.66 -9.60
CA MET A 190 3.49 20.20 -8.70
C MET A 190 3.82 20.56 -7.26
N GLY A 191 2.97 21.36 -6.63
CA GLY A 191 3.20 21.83 -5.28
C GLY A 191 2.01 21.66 -4.37
N HIS A 192 2.28 21.41 -3.09
CA HIS A 192 1.23 21.24 -2.09
C HIS A 192 1.41 22.26 -0.97
N PHE A 193 1.10 23.51 -1.27
CA PHE A 193 1.27 24.60 -0.31
C PHE A 193 0.26 25.72 -0.53
N THR A 194 0.39 26.79 0.25
CA THR A 194 -0.51 27.93 0.14
C THR A 194 0.21 29.15 -0.43
N VAL A 195 -0.31 29.67 -1.54
CA VAL A 195 0.26 30.86 -2.16
C VAL A 195 0.07 32.09 -1.27
N GLU A 196 1.15 32.85 -1.09
CA GLU A 196 1.13 34.04 -0.26
C GLU A 196 0.12 35.07 -0.75
N GLY A 197 -0.78 35.47 0.15
CA GLY A 197 -1.76 36.50 -0.16
C GLY A 197 -2.87 36.04 -1.10
N LEU A 198 -3.65 35.07 -0.66
CA LEU A 198 -4.79 34.59 -1.45
C LEU A 198 -6.00 35.48 -1.21
N ALA A 199 -6.68 35.85 -2.30
CA ALA A 199 -7.86 36.70 -2.21
C ALA A 199 -9.07 36.06 -2.89
N GLY A 200 -10.00 35.57 -2.08
CA GLY A 200 -9.89 35.63 -0.64
C GLY A 200 -10.31 34.34 0.03
N TYR A 201 -9.53 33.28 -0.16
CA TYR A 201 -9.82 31.99 0.43
C TYR A 201 -9.54 31.99 1.94
N ALA A 202 -10.60 32.00 2.73
CA ALA A 202 -10.46 32.04 4.18
C ALA A 202 -10.96 30.74 4.82
N GLY A 203 -10.18 30.23 5.77
CA GLY A 203 -10.54 29.00 6.46
C GLY A 203 -9.58 27.87 6.17
N ILE A 204 -8.29 28.16 6.24
CA ILE A 204 -7.26 27.17 5.96
C ILE A 204 -6.05 27.37 6.85
N GLU A 205 -5.53 26.29 7.43
CA GLU A 205 -6.09 24.95 7.24
C GLU A 205 -7.20 24.48 8.23
N GLN A 206 -7.00 24.59 9.55
CA GLN A 206 -5.81 25.12 10.22
C GLN A 206 -5.52 24.37 11.52
N GLY A 207 -4.53 23.49 11.51
CA GLY A 207 -3.76 23.20 10.32
C GLY A 207 -2.42 23.91 10.26
N ARG A 208 -1.48 23.32 9.53
CA ARG A 208 -0.17 23.92 9.31
C ARG A 208 -0.06 24.41 7.87
N GLU A 209 0.47 25.61 7.69
CA GLU A 209 0.52 26.23 6.37
C GLU A 209 1.93 26.58 5.92
N ILE A 210 2.22 26.28 4.65
CA ILE A 210 3.49 26.65 4.03
C ILE A 210 3.26 27.83 3.08
N ILE A 211 3.69 29.01 3.50
CA ILE A 211 3.47 30.22 2.72
C ILE A 211 4.60 30.46 1.74
N ILE A 212 4.28 30.46 0.45
CA ILE A 212 5.26 30.67 -0.61
C ILE A 212 4.78 31.73 -1.60
N ASN A 213 5.63 32.73 -1.85
CA ASN A 213 5.32 33.75 -2.84
C ASN A 213 5.18 33.14 -4.23
N ARG A 214 4.19 33.61 -4.98
CA ARG A 214 3.90 33.06 -6.31
C ARG A 214 5.00 33.39 -7.32
N ALA A 215 5.85 34.35 -6.98
CA ALA A 215 6.95 34.73 -7.85
C ALA A 215 8.13 33.76 -7.71
N LEU A 216 8.12 33.00 -6.62
CA LEU A 216 9.20 32.04 -6.36
C LEU A 216 9.00 30.73 -7.11
N ILE A 217 7.80 30.52 -7.63
CA ILE A 217 7.52 29.35 -8.45
C ILE A 217 8.24 29.48 -9.80
N PRO A 218 9.04 28.47 -10.16
CA PRO A 218 9.84 28.44 -11.38
C PRO A 218 9.07 28.90 -12.61
N SER A 219 9.58 29.91 -13.31
CA SER A 219 8.89 30.50 -14.44
C SER A 219 9.11 29.73 -15.74
N VAL A 220 10.10 28.84 -15.73
CA VAL A 220 10.44 28.10 -16.93
C VAL A 220 9.60 26.86 -17.14
N VAL A 221 8.76 26.52 -16.16
CA VAL A 221 7.85 25.39 -16.30
C VAL A 221 6.68 25.78 -17.18
N ASP A 222 6.06 24.78 -17.82
CA ASP A 222 4.95 25.03 -18.73
C ASP A 222 3.63 25.12 -17.98
N TYR A 223 3.57 24.53 -16.80
CA TYR A 223 2.36 24.54 -16.00
C TYR A 223 2.66 24.26 -14.52
N ALA A 224 2.02 25.02 -13.64
CA ALA A 224 2.20 24.84 -12.21
C ALA A 224 0.93 24.28 -11.57
N ALA A 225 0.97 23.00 -11.20
CA ALA A 225 -0.18 22.34 -10.60
C ALA A 225 -0.13 22.41 -9.08
N LEU A 226 -1.12 23.06 -8.48
CA LEU A 226 -1.16 23.21 -7.03
C LEU A 226 -2.41 22.59 -6.41
N GLY A 227 -2.41 22.47 -5.08
CA GLY A 227 -3.53 21.90 -4.37
C GLY A 227 -3.64 22.39 -2.94
N HIS A 228 -4.39 21.65 -2.12
CA HIS A 228 -4.60 21.91 -0.69
C HIS A 228 -5.73 22.90 -0.37
N ILE A 229 -5.99 23.87 -1.24
CA ILE A 229 -7.11 24.79 -1.02
C ILE A 229 -8.36 24.33 -1.75
N HIS A 230 -9.53 24.67 -1.19
CA HIS A 230 -10.80 24.15 -1.68
C HIS A 230 -11.38 24.96 -2.84
N SER A 231 -10.96 26.21 -2.97
CA SER A 231 -11.51 27.09 -4.00
C SER A 231 -10.62 27.15 -5.24
N PHE A 232 -11.26 27.24 -6.40
CA PHE A 232 -10.53 27.39 -7.66
C PHE A 232 -9.80 28.73 -7.70
N ARG A 233 -8.54 28.71 -8.10
CA ARG A 233 -7.74 29.93 -8.17
C ARG A 233 -6.79 29.93 -9.36
N GLU A 234 -6.90 30.97 -10.19
CA GLU A 234 -5.92 31.21 -11.23
C GLU A 234 -4.88 32.18 -10.68
N ILE A 235 -3.78 31.64 -10.16
CA ILE A 235 -2.77 32.44 -9.49
C ILE A 235 -2.06 33.39 -10.45
N GLN A 236 -1.66 32.88 -11.60
CA GLN A 236 -0.95 33.67 -12.60
C GLN A 236 -0.99 33.02 -13.97
N LYS A 237 -0.39 33.67 -14.95
CA LYS A 237 -0.39 33.17 -16.32
C LYS A 237 1.01 32.81 -16.79
N GLN A 238 2.02 33.35 -16.12
CA GLN A 238 3.41 33.08 -16.49
C GLN A 238 4.26 32.74 -15.27
N PRO A 239 4.37 31.44 -14.96
CA PRO A 239 3.72 30.34 -15.70
C PRO A 239 2.28 30.13 -15.22
N LEU A 240 1.47 29.47 -16.03
CA LEU A 240 0.08 29.20 -15.68
C LEU A 240 -0.02 28.39 -14.39
N THR A 241 -0.49 29.03 -13.32
CA THR A 241 -0.58 28.40 -12.02
C THR A 241 -2.03 28.32 -11.56
N ILE A 242 -2.52 27.11 -11.33
CA ILE A 242 -3.94 26.91 -11.06
C ILE A 242 -4.22 25.96 -9.89
N TYR A 243 -5.04 26.43 -8.95
CA TYR A 243 -5.67 25.55 -7.96
C TYR A 243 -7.01 25.10 -8.54
N PRO A 244 -7.17 23.78 -8.75
CA PRO A 244 -8.43 23.27 -9.29
C PRO A 244 -9.59 23.44 -8.31
N GLY A 245 -9.32 23.24 -7.03
CA GLY A 245 -10.35 23.27 -6.01
C GLY A 245 -10.97 21.90 -5.80
N SER A 246 -11.81 21.78 -4.78
CA SER A 246 -12.48 20.52 -4.49
C SER A 246 -13.57 20.24 -5.52
N LEU A 247 -14.12 19.04 -5.49
CA LEU A 247 -15.18 18.66 -6.43
C LEU A 247 -16.56 18.87 -5.84
N ILE A 248 -16.62 18.93 -4.51
CA ILE A 248 -17.87 19.22 -3.81
C ILE A 248 -17.67 20.40 -2.86
N ARG A 249 -18.78 20.95 -2.36
CA ARG A 249 -18.71 22.01 -1.37
C ARG A 249 -18.68 21.42 0.04
N ILE A 250 -17.50 21.41 0.64
CA ILE A 250 -17.30 20.79 1.94
C ILE A 250 -18.10 21.46 3.05
N ASP A 251 -17.93 22.77 3.19
CA ASP A 251 -18.66 23.53 4.19
C ASP A 251 -19.23 24.81 3.60
N PHE A 252 -19.98 25.56 4.40
CA PHE A 252 -20.69 26.73 3.92
C PHE A 252 -19.80 27.93 3.60
N GLY A 253 -18.50 27.78 3.83
CA GLY A 253 -17.55 28.81 3.45
C GLY A 253 -17.32 28.77 1.95
N GLU A 254 -17.68 27.65 1.34
CA GLU A 254 -17.52 27.45 -0.09
C GLU A 254 -18.86 27.60 -0.80
N GLU A 255 -19.73 28.42 -0.24
CA GLU A 255 -21.09 28.60 -0.76
C GLU A 255 -21.10 29.23 -2.15
N ALA A 256 -20.26 30.24 -2.35
CA ALA A 256 -20.20 30.94 -3.63
C ALA A 256 -19.05 30.43 -4.50
N ASP A 257 -18.61 29.21 -4.23
CA ASP A 257 -17.52 28.61 -4.98
C ASP A 257 -18.01 27.83 -6.19
N GLU A 258 -17.14 27.72 -7.20
CA GLU A 258 -17.40 26.89 -8.35
C GLU A 258 -16.46 25.70 -8.34
N LYS A 259 -17.02 24.50 -8.15
CA LYS A 259 -16.22 23.29 -8.00
C LYS A 259 -16.04 22.57 -9.33
N GLY A 260 -14.90 21.90 -9.49
CA GLY A 260 -14.63 21.12 -10.69
C GLY A 260 -13.16 20.84 -10.91
N ALA A 261 -12.82 20.44 -12.12
CA ALA A 261 -11.44 20.13 -12.49
C ALA A 261 -10.95 21.08 -13.58
N VAL A 262 -9.69 20.94 -13.96
CA VAL A 262 -9.09 21.82 -14.96
C VAL A 262 -8.49 21.02 -16.12
N PHE A 263 -8.84 21.40 -17.34
CA PHE A 263 -8.26 20.79 -18.54
C PHE A 263 -7.27 21.75 -19.18
N VAL A 264 -5.99 21.36 -19.19
CA VAL A 264 -4.94 22.21 -19.72
C VAL A 264 -4.32 21.63 -20.98
N GLU A 265 -4.21 22.45 -22.02
CA GLU A 265 -3.55 22.03 -23.26
C GLU A 265 -2.28 22.84 -23.50
N LEU A 266 -1.19 22.16 -23.80
CA LEU A 266 0.09 22.82 -23.99
C LEU A 266 0.64 22.60 -25.40
N LYS A 267 1.19 23.67 -25.99
CA LYS A 267 1.86 23.57 -27.28
C LYS A 267 3.28 24.11 -27.17
N ARG A 268 4.14 23.70 -28.10
CA ARG A 268 5.54 24.12 -28.07
C ARG A 268 5.70 25.61 -28.35
N GLY A 269 4.99 26.09 -29.36
CA GLY A 269 5.07 27.50 -29.73
C GLY A 269 3.98 28.35 -29.10
N GLU A 270 2.77 27.81 -29.05
CA GLU A 270 1.62 28.53 -28.52
C GLU A 270 1.65 28.58 -26.99
N PRO A 271 1.11 29.68 -26.41
CA PRO A 271 0.99 29.80 -24.96
C PRO A 271 -0.11 28.87 -24.42
N PRO A 272 0.00 28.49 -23.13
CA PRO A 272 -0.95 27.56 -22.50
C PRO A 272 -2.38 28.07 -22.47
N ARG A 273 -3.33 27.19 -22.75
CA ARG A 273 -4.75 27.50 -22.64
C ARG A 273 -5.43 26.45 -21.76
N TYR A 274 -6.52 26.83 -21.11
CA TYR A 274 -7.22 25.89 -20.24
C TYR A 274 -8.72 26.15 -20.15
N GLU A 275 -9.47 25.10 -19.86
CA GLU A 275 -10.92 25.21 -19.65
C GLU A 275 -11.27 24.57 -18.31
N ARG A 276 -12.26 25.14 -17.63
CA ARG A 276 -12.73 24.57 -16.37
C ARG A 276 -13.79 23.51 -16.62
N ILE A 277 -13.61 22.34 -16.00
CA ILE A 277 -14.59 21.26 -16.09
C ILE A 277 -15.48 21.28 -14.86
N ASP A 278 -16.68 21.81 -15.02
CA ASP A 278 -17.61 21.96 -13.91
C ASP A 278 -18.14 20.61 -13.44
N ALA A 279 -18.04 20.35 -12.15
CA ALA A 279 -18.53 19.11 -11.56
C ALA A 279 -20.02 19.24 -11.22
N SER A 280 -20.47 20.48 -11.07
CA SER A 280 -21.85 20.80 -10.69
C SER A 280 -22.33 20.01 -9.47
N PRO A 281 -21.76 20.31 -8.29
CA PRO A 281 -22.17 19.62 -7.07
C PRO A 281 -23.39 20.28 -6.45
N LEU A 282 -23.91 19.70 -5.37
CA LEU A 282 -25.07 20.28 -4.69
C LEU A 282 -24.72 21.65 -4.12
N PRO A 283 -25.64 22.61 -4.28
CA PRO A 283 -25.41 23.99 -3.83
C PRO A 283 -25.55 24.12 -2.32
N LEU A 284 -25.03 25.23 -1.77
CA LEU A 284 -25.19 25.52 -0.36
C LEU A 284 -25.78 26.92 -0.19
N LYS A 285 -26.38 27.17 0.98
CA LYS A 285 -26.98 28.47 1.25
C LYS A 285 -27.04 28.75 2.74
N THR A 286 -26.75 29.99 3.12
CA THR A 286 -26.84 30.41 4.50
C THR A 286 -27.88 31.52 4.67
N LEU A 287 -28.91 31.24 5.46
CA LEU A 287 -29.95 32.24 5.73
C LEU A 287 -29.66 32.96 7.05
N TYR A 288 -29.69 34.28 7.01
CA TYR A 288 -29.41 35.09 8.19
C TYR A 288 -30.67 35.74 8.76
N TYR A 289 -30.80 35.72 10.08
CA TYR A 289 -31.92 36.35 10.75
C TYR A 289 -31.48 36.96 12.07
N LYS A 290 -32.23 37.96 12.55
CA LYS A 290 -31.97 38.54 13.86
C LYS A 290 -32.51 37.58 14.91
N LYS A 291 -33.82 37.36 14.87
CA LYS A 291 -34.47 36.37 15.71
C LYS A 291 -35.28 35.44 14.82
N ILE A 292 -35.46 34.20 15.24
CA ILE A 292 -36.30 33.27 14.50
C ILE A 292 -37.77 33.47 14.88
N ASP A 293 -38.36 34.52 14.35
CA ASP A 293 -39.77 34.83 14.61
C ASP A 293 -40.66 34.14 13.61
N THR A 294 -41.94 34.54 13.59
CA THR A 294 -42.91 33.95 12.67
C THR A 294 -42.55 34.27 11.22
N SER A 295 -41.97 35.44 11.01
CA SER A 295 -41.56 35.86 9.67
C SER A 295 -40.34 35.07 9.21
N ALA A 296 -39.46 34.75 10.15
CA ALA A 296 -38.25 33.98 9.84
C ALA A 296 -38.62 32.55 9.48
N LEU A 297 -39.54 31.97 10.23
CA LEU A 297 -40.03 30.62 9.96
C LEU A 297 -40.68 30.54 8.59
N LYS A 298 -41.33 31.64 8.20
CA LYS A 298 -41.98 31.72 6.89
C LYS A 298 -40.93 31.67 5.77
N SER A 299 -39.84 32.41 5.96
CA SER A 299 -38.80 32.50 4.95
C SER A 299 -38.00 31.21 4.83
N ILE A 300 -37.73 30.56 5.96
CA ILE A 300 -36.96 29.33 5.99
C ILE A 300 -37.68 28.19 5.29
N ARG A 301 -38.94 27.98 5.64
CA ARG A 301 -39.73 26.91 5.05
C ARG A 301 -39.96 27.12 3.56
N ASP A 302 -40.08 28.38 3.15
CA ASP A 302 -40.32 28.72 1.75
C ASP A 302 -39.09 28.47 0.89
N PHE A 303 -37.90 28.70 1.45
CA PHE A 303 -36.66 28.52 0.71
C PHE A 303 -36.24 27.06 0.63
N CYS A 304 -36.25 26.38 1.76
CA CYS A 304 -35.83 24.98 1.83
C CYS A 304 -36.79 24.06 1.09
N ARG A 305 -37.96 24.58 0.75
CA ARG A 305 -38.97 23.82 0.02
C ARG A 305 -38.45 23.36 -1.33
N ASN A 306 -37.98 24.32 -2.13
CA ASN A 306 -37.48 24.02 -3.47
C ASN A 306 -35.98 24.32 -3.62
N PHE A 307 -35.19 23.75 -2.73
CA PHE A 307 -33.73 23.90 -2.79
C PHE A 307 -33.07 22.53 -2.84
N PRO A 308 -32.35 22.25 -3.94
CA PRO A 308 -31.75 20.93 -4.18
C PRO A 308 -30.46 20.69 -3.38
N GLY A 309 -30.05 21.66 -2.58
CA GLY A 309 -28.82 21.53 -1.82
C GLY A 309 -29.04 21.53 -0.32
N TYR A 310 -28.02 21.94 0.43
CA TYR A 310 -28.09 21.97 1.88
C TYR A 310 -28.16 23.41 2.40
N VAL A 311 -28.83 23.60 3.53
CA VAL A 311 -29.11 24.93 4.05
C VAL A 311 -28.62 25.13 5.48
N ARG A 312 -27.99 26.27 5.73
CA ARG A 312 -27.60 26.65 7.09
C ARG A 312 -28.38 27.89 7.52
N VAL A 313 -28.88 27.88 8.75
CA VAL A 313 -29.58 29.03 9.30
C VAL A 313 -28.79 29.66 10.44
N VAL A 314 -28.47 30.94 10.30
CA VAL A 314 -27.71 31.66 11.31
C VAL A 314 -28.54 32.78 11.93
N TYR A 315 -28.73 32.72 13.24
CA TYR A 315 -29.44 33.78 13.95
C TYR A 315 -28.62 34.31 15.12
N GLU A 316 -29.06 35.44 15.69
CA GLU A 316 -28.31 36.12 16.73
C GLU A 316 -28.67 35.67 18.15
N GLU A 317 -29.92 35.89 18.54
CA GLU A 317 -30.35 35.59 19.90
C GLU A 317 -31.63 34.75 19.97
N ASP A 318 -31.77 34.01 21.05
CA ASP A 318 -32.93 33.15 21.26
C ASP A 318 -34.20 33.96 21.55
N SER A 319 -35.34 33.40 21.21
CA SER A 319 -36.63 34.04 21.46
C SER A 319 -37.74 32.99 21.51
N GLY A 320 -37.87 32.32 22.64
CA GLY A 320 -38.85 31.27 22.79
C GLY A 320 -38.33 29.94 22.30
N ILE A 321 -39.08 28.86 22.54
CA ILE A 321 -38.68 27.53 22.12
C ILE A 321 -38.73 27.39 20.61
N LEU A 322 -37.61 26.99 20.02
CA LEU A 322 -37.53 26.81 18.58
C LEU A 322 -38.22 25.52 18.14
N PRO A 323 -39.08 25.61 17.12
CA PRO A 323 -39.76 24.43 16.56
C PRO A 323 -38.74 23.46 15.97
N ASP A 324 -39.12 22.19 15.87
CA ASP A 324 -38.23 21.17 15.31
C ASP A 324 -38.07 21.37 13.81
N LEU A 325 -37.26 22.34 13.43
CA LEU A 325 -37.05 22.66 12.02
C LEU A 325 -36.23 21.58 11.31
N MET A 326 -35.27 21.00 12.01
CA MET A 326 -34.46 19.93 11.46
C MET A 326 -35.28 18.67 11.23
N GLY A 327 -36.40 18.56 11.94
CA GLY A 327 -37.29 17.42 11.79
C GLY A 327 -38.19 17.54 10.57
N GLU A 328 -38.74 18.73 10.36
CA GLU A 328 -39.65 18.95 9.24
C GLU A 328 -38.91 19.28 7.94
N ILE A 329 -37.63 19.64 8.06
CA ILE A 329 -36.83 20.01 6.89
C ILE A 329 -35.58 19.15 6.78
N ASP A 330 -35.49 18.38 5.71
CA ASP A 330 -34.35 17.50 5.47
C ASP A 330 -33.14 18.27 4.98
N ASN A 331 -33.38 19.40 4.31
CA ASN A 331 -32.32 20.23 3.78
C ASN A 331 -31.52 20.94 4.87
N LEU A 332 -32.20 21.33 5.95
CA LEU A 332 -31.57 22.06 7.03
C LEU A 332 -30.57 21.18 7.78
N VAL A 333 -29.29 21.51 7.64
CA VAL A 333 -28.23 20.69 8.23
C VAL A 333 -27.54 21.37 9.41
N LYS A 334 -27.80 22.66 9.58
CA LYS A 334 -27.13 23.42 10.63
C LYS A 334 -27.88 24.70 11.00
N ILE A 335 -28.18 24.85 12.28
CA ILE A 335 -28.77 26.07 12.80
C ILE A 335 -27.76 26.75 13.73
N GLU A 336 -26.55 26.18 13.77
CA GLU A 336 -25.44 26.66 14.62
C GLU A 336 -25.85 27.14 16.00
N LEU B 16 3.41 -24.13 -23.37
CA LEU B 16 4.50 -25.04 -23.04
C LEU B 16 3.99 -26.32 -22.38
N LYS B 17 4.91 -27.24 -22.10
CA LYS B 17 4.56 -28.52 -21.49
C LYS B 17 5.21 -28.66 -20.12
N GLU B 18 6.22 -27.83 -19.87
CA GLU B 18 6.95 -27.86 -18.60
C GLU B 18 6.74 -26.57 -17.80
N LEU B 19 7.18 -26.59 -16.54
CA LEU B 19 7.03 -25.44 -15.66
C LEU B 19 8.01 -25.50 -14.49
N LYS B 20 8.97 -24.58 -14.46
CA LYS B 20 9.93 -24.52 -13.37
C LYS B 20 9.48 -23.52 -12.31
N ILE B 21 9.39 -23.99 -11.06
CA ILE B 21 8.83 -23.19 -9.97
C ILE B 21 9.82 -22.95 -8.84
N LEU B 22 9.90 -21.70 -8.39
CA LEU B 22 10.69 -21.35 -7.21
C LEU B 22 9.74 -21.10 -6.05
N HIS B 23 9.84 -21.93 -5.01
CA HIS B 23 8.95 -21.82 -3.87
C HIS B 23 9.73 -21.54 -2.58
N THR B 24 9.50 -20.36 -2.01
CA THR B 24 10.08 -20.01 -0.72
C THR B 24 9.02 -19.37 0.17
N SER B 25 9.19 -19.48 1.48
CA SER B 25 8.19 -18.98 2.41
C SER B 25 8.79 -18.63 3.76
N ASP B 26 7.96 -18.01 4.61
CA ASP B 26 8.32 -17.71 5.99
C ASP B 26 9.65 -16.98 6.15
N TRP B 27 9.78 -15.85 5.46
CA TRP B 27 10.99 -15.04 5.51
C TRP B 27 11.17 -14.45 6.91
N HIS B 28 10.07 -14.10 7.55
CA HIS B 28 10.08 -13.46 8.87
C HIS B 28 10.94 -12.21 8.91
N LEU B 29 10.78 -11.36 7.90
CA LEU B 29 11.52 -10.10 7.84
C LEU B 29 11.22 -9.21 9.04
N GLY B 30 12.28 -8.65 9.63
CA GLY B 30 12.12 -7.75 10.75
C GLY B 30 12.14 -8.45 12.09
N VAL B 31 12.62 -9.69 12.10
CA VAL B 31 12.65 -10.49 13.31
C VAL B 31 13.89 -10.20 14.16
N THR B 32 13.68 -10.11 15.47
CA THR B 32 14.79 -9.99 16.41
C THR B 32 14.71 -11.17 17.37
N SER B 33 15.73 -12.03 17.33
CA SER B 33 15.70 -13.27 18.08
C SER B 33 16.21 -13.11 19.50
N TRP B 34 15.65 -13.91 20.41
CA TRP B 34 16.08 -13.97 21.81
C TRP B 34 16.02 -12.60 22.50
N THR B 35 14.91 -11.89 22.32
CA THR B 35 14.75 -10.56 22.90
C THR B 35 14.77 -10.57 24.42
N SER B 36 14.35 -11.69 25.01
CA SER B 36 14.31 -11.82 26.46
C SER B 36 15.71 -11.90 27.05
N SER B 37 16.59 -12.65 26.40
CA SER B 37 17.96 -12.83 26.89
C SER B 37 18.91 -11.83 26.23
N ARG B 38 19.34 -12.13 25.01
CA ARG B 38 20.22 -11.24 24.26
C ARG B 38 19.65 -10.98 22.87
N PRO B 39 19.01 -9.82 22.69
CA PRO B 39 18.40 -9.44 21.41
C PRO B 39 19.41 -9.42 20.27
N VAL B 40 19.12 -10.15 19.19
CA VAL B 40 20.01 -10.19 18.03
C VAL B 40 19.24 -9.93 16.75
N ASP B 41 19.56 -8.82 16.09
CA ASP B 41 18.92 -8.47 14.82
C ASP B 41 19.38 -9.44 13.73
N ARG B 42 18.43 -10.09 13.08
CA ARG B 42 18.74 -11.12 12.09
C ARG B 42 18.68 -10.58 10.66
N ARG B 43 18.61 -9.26 10.52
CA ARG B 43 18.43 -8.63 9.22
C ARG B 43 19.55 -8.93 8.23
N GLU B 44 20.79 -8.74 8.65
CA GLU B 44 21.95 -8.97 7.78
C GLU B 44 22.02 -10.42 7.32
N GLU B 45 21.82 -11.35 8.24
CA GLU B 45 21.84 -12.77 7.92
C GLU B 45 20.69 -13.14 6.98
N LEU B 46 19.51 -12.59 7.25
CA LEU B 46 18.32 -12.90 6.48
C LEU B 46 18.43 -12.39 5.04
N LYS B 47 18.94 -11.18 4.88
CA LYS B 47 19.12 -10.58 3.57
C LYS B 47 20.08 -11.40 2.71
N LYS B 48 21.15 -11.90 3.31
CA LYS B 48 22.10 -12.75 2.61
C LYS B 48 21.42 -14.03 2.13
N ALA B 49 20.57 -14.59 2.97
CA ALA B 49 19.82 -15.79 2.63
C ALA B 49 18.83 -15.48 1.50
N LEU B 50 18.20 -14.31 1.57
CA LEU B 50 17.27 -13.88 0.54
C LEU B 50 17.97 -13.71 -0.79
N ASP B 51 19.20 -13.22 -0.75
CA ASP B 51 19.99 -12.98 -1.95
C ASP B 51 20.28 -14.27 -2.70
N LYS B 52 20.71 -15.30 -1.97
CA LYS B 52 21.04 -16.59 -2.57
C LYS B 52 19.81 -17.22 -3.23
N VAL B 53 18.64 -17.00 -2.64
CA VAL B 53 17.40 -17.51 -3.21
C VAL B 53 17.06 -16.78 -4.50
N VAL B 54 17.28 -15.46 -4.51
CA VAL B 54 17.06 -14.65 -5.69
C VAL B 54 18.05 -15.03 -6.80
N GLU B 55 19.31 -15.20 -6.43
CA GLU B 55 20.35 -15.57 -7.38
C GLU B 55 20.08 -16.93 -8.02
N GLU B 56 19.59 -17.88 -7.22
CA GLU B 56 19.30 -19.22 -7.72
C GLU B 56 18.02 -19.25 -8.56
N ALA B 57 17.22 -18.20 -8.45
CA ALA B 57 16.01 -18.09 -9.26
C ALA B 57 16.37 -17.59 -10.65
N GLU B 58 17.49 -16.89 -10.74
CA GLU B 58 17.96 -16.37 -12.02
C GLU B 58 18.86 -17.38 -12.71
N LYS B 59 19.63 -18.12 -11.91
CA LYS B 59 20.52 -19.16 -12.41
C LYS B 59 19.75 -20.28 -13.09
N ARG B 60 18.69 -20.74 -12.43
CA ARG B 60 17.88 -21.83 -12.94
C ARG B 60 16.80 -21.32 -13.89
N GLU B 61 16.61 -20.01 -13.90
CA GLU B 61 15.62 -19.35 -14.76
C GLU B 61 14.22 -19.93 -14.60
N VAL B 62 13.65 -19.75 -13.42
CA VAL B 62 12.32 -20.26 -13.13
C VAL B 62 11.24 -19.52 -13.91
N ASP B 63 10.10 -20.17 -14.11
CA ASP B 63 9.00 -19.57 -14.86
C ASP B 63 7.99 -18.93 -13.93
N LEU B 64 7.97 -19.38 -12.68
CA LEU B 64 7.01 -18.88 -11.70
C LEU B 64 7.58 -18.90 -10.29
N ILE B 65 7.29 -17.87 -9.51
CA ILE B 65 7.76 -17.78 -8.14
C ILE B 65 6.58 -17.75 -7.16
N LEU B 66 6.60 -18.66 -6.19
CA LEU B 66 5.52 -18.77 -5.22
C LEU B 66 5.97 -18.33 -3.83
N LEU B 67 5.19 -17.45 -3.21
CA LEU B 67 5.50 -16.95 -1.87
C LEU B 67 4.36 -17.23 -0.90
N THR B 68 4.66 -17.97 0.17
CA THR B 68 3.68 -18.26 1.19
C THR B 68 4.25 -17.98 2.58
N GLY B 69 3.52 -18.40 3.61
CA GLY B 69 3.97 -18.25 4.99
C GLY B 69 4.03 -16.80 5.43
N ASP B 70 4.76 -16.55 6.53
CA ASP B 70 4.88 -15.22 7.07
C ASP B 70 6.11 -14.50 6.53
N LEU B 71 5.92 -13.69 5.50
CA LEU B 71 7.01 -12.93 4.92
C LEU B 71 7.48 -11.85 5.89
N LEU B 72 6.56 -11.36 6.71
CA LEU B 72 6.88 -10.41 7.77
C LEU B 72 6.70 -11.08 9.12
N HIS B 73 7.69 -10.89 10.01
CA HIS B 73 7.64 -11.49 11.34
C HIS B 73 6.50 -10.91 12.17
N SER B 74 6.43 -9.59 12.23
CA SER B 74 5.38 -8.92 12.97
C SER B 74 4.09 -8.94 12.18
N ARG B 75 3.03 -9.42 12.81
CA ARG B 75 1.73 -9.56 12.14
C ARG B 75 1.04 -8.22 11.94
N ASN B 76 0.93 -7.43 13.01
CA ASN B 76 0.17 -6.19 12.97
C ASN B 76 1.01 -4.92 13.08
N ASN B 77 2.29 -5.07 13.40
CA ASN B 77 3.17 -3.90 13.55
C ASN B 77 4.56 -4.08 12.92
N PRO B 78 4.62 -4.12 11.58
CA PRO B 78 5.91 -4.23 10.89
C PRO B 78 6.63 -2.89 10.88
N SER B 79 7.94 -2.90 11.08
CA SER B 79 8.72 -1.68 11.06
C SER B 79 8.88 -1.16 9.63
N VAL B 80 9.32 0.08 9.50
CA VAL B 80 9.59 0.67 8.20
C VAL B 80 10.66 -0.12 7.47
N VAL B 81 11.71 -0.50 8.20
CA VAL B 81 12.82 -1.27 7.65
C VAL B 81 12.34 -2.62 7.13
N ALA B 82 11.45 -3.27 7.87
CA ALA B 82 10.92 -4.57 7.48
C ALA B 82 10.08 -4.45 6.20
N LEU B 83 9.20 -3.47 6.15
CA LEU B 83 8.37 -3.23 4.98
C LEU B 83 9.23 -2.88 3.76
N HIS B 84 10.31 -2.16 4.01
CA HIS B 84 11.24 -1.78 2.94
C HIS B 84 11.88 -3.00 2.30
N ASP B 85 12.37 -3.91 3.13
CA ASP B 85 13.00 -5.12 2.66
C ASP B 85 12.02 -6.03 1.92
N LEU B 86 10.79 -6.08 2.42
CA LEU B 86 9.75 -6.88 1.78
C LEU B 86 9.49 -6.40 0.35
N LEU B 87 9.16 -5.12 0.23
CA LEU B 87 8.89 -4.52 -1.07
C LEU B 87 10.09 -4.63 -2.00
N ASP B 88 11.29 -4.46 -1.45
CA ASP B 88 12.51 -4.57 -2.22
C ASP B 88 12.66 -5.96 -2.81
N TYR B 89 12.61 -6.98 -1.94
CA TYR B 89 12.78 -8.35 -2.40
C TYR B 89 11.60 -8.86 -3.22
N LEU B 90 10.44 -8.24 -3.06
CA LEU B 90 9.30 -8.53 -3.94
C LEU B 90 9.64 -8.10 -5.35
N LYS B 91 10.20 -6.90 -5.49
CA LYS B 91 10.59 -6.39 -6.80
C LYS B 91 11.71 -7.21 -7.41
N ARG B 92 12.63 -7.68 -6.58
CA ARG B 92 13.75 -8.52 -7.06
C ARG B 92 13.23 -9.82 -7.63
N MET B 93 12.18 -10.37 -7.02
CA MET B 93 11.55 -11.59 -7.54
C MET B 93 10.83 -11.31 -8.85
N MET B 94 10.17 -10.15 -8.92
CA MET B 94 9.39 -9.78 -10.10
C MET B 94 10.25 -9.61 -11.35
N ARG B 95 11.47 -9.10 -11.18
CA ARG B 95 12.38 -8.90 -12.31
C ARG B 95 12.88 -10.22 -12.86
N THR B 96 12.78 -11.27 -12.07
CA THR B 96 13.25 -12.60 -12.48
C THR B 96 12.12 -13.40 -13.12
N ALA B 97 10.97 -13.41 -12.47
CA ALA B 97 9.82 -14.19 -12.95
C ALA B 97 8.54 -13.67 -12.30
N PRO B 98 7.39 -13.92 -12.94
CA PRO B 98 6.09 -13.56 -12.35
C PRO B 98 5.91 -14.17 -10.97
N VAL B 99 5.35 -13.39 -10.04
CA VAL B 99 5.26 -13.80 -8.66
C VAL B 99 3.81 -13.98 -8.19
N VAL B 100 3.54 -15.07 -7.49
CA VAL B 100 2.24 -15.29 -6.88
C VAL B 100 2.39 -15.37 -5.37
N VAL B 101 1.74 -14.46 -4.66
CA VAL B 101 1.90 -14.36 -3.21
C VAL B 101 0.63 -14.72 -2.46
N LEU B 102 0.75 -15.63 -1.50
CA LEU B 102 -0.33 -15.95 -0.59
C LEU B 102 0.02 -15.42 0.80
N PRO B 103 -0.45 -14.21 1.13
CA PRO B 103 -0.13 -13.58 2.41
C PRO B 103 -0.97 -14.14 3.55
N GLY B 104 -0.40 -14.19 4.74
CA GLY B 104 -1.12 -14.65 5.92
C GLY B 104 -2.02 -13.56 6.45
N ASN B 105 -2.69 -13.83 7.58
CA ASN B 105 -3.58 -12.86 8.18
C ASN B 105 -2.84 -11.72 8.85
N HIS B 106 -3.04 -10.50 8.33
CA HIS B 106 -2.41 -9.31 8.89
C HIS B 106 -3.45 -8.36 9.49
N ASP B 107 -4.71 -8.73 9.36
CA ASP B 107 -5.85 -8.00 9.96
C ASP B 107 -5.94 -6.49 9.63
N TRP B 108 -5.14 -6.04 8.68
CA TRP B 108 -5.10 -4.64 8.26
C TRP B 108 -6.47 -4.16 7.76
N LYS B 109 -7.20 -5.07 7.11
CA LYS B 109 -8.52 -4.79 6.52
C LYS B 109 -8.42 -3.86 5.30
N GLY B 110 -7.22 -3.33 5.07
CA GLY B 110 -6.96 -2.54 3.90
C GLY B 110 -5.93 -3.23 3.02
N LEU B 111 -5.42 -4.35 3.52
CA LEU B 111 -4.43 -5.15 2.79
C LEU B 111 -5.06 -5.73 1.53
N LYS B 112 -6.28 -6.22 1.66
CA LYS B 112 -7.01 -6.82 0.54
C LYS B 112 -7.23 -5.81 -0.58
N LEU B 113 -7.54 -4.57 -0.21
CA LEU B 113 -7.75 -3.51 -1.19
C LEU B 113 -6.47 -3.20 -1.94
N PHE B 114 -5.37 -3.07 -1.20
CA PHE B 114 -4.07 -2.75 -1.80
C PHE B 114 -3.57 -3.93 -2.63
N GLY B 115 -3.87 -5.14 -2.17
CA GLY B 115 -3.48 -6.34 -2.88
C GLY B 115 -4.15 -6.45 -4.24
N ASN B 116 -5.45 -6.16 -4.27
CA ASN B 116 -6.20 -6.16 -5.52
C ASN B 116 -5.71 -5.06 -6.46
N PHE B 117 -5.31 -3.93 -5.89
CA PHE B 117 -4.83 -2.80 -6.67
C PHE B 117 -3.50 -3.12 -7.36
N VAL B 118 -2.57 -3.69 -6.60
CA VAL B 118 -1.26 -4.06 -7.14
C VAL B 118 -1.38 -5.13 -8.21
N THR B 119 -2.25 -6.12 -7.95
CA THR B 119 -2.48 -7.21 -8.88
C THR B 119 -3.04 -6.69 -10.21
N SER B 120 -3.87 -5.65 -10.12
CA SER B 120 -4.55 -5.12 -11.30
C SER B 120 -3.65 -4.26 -12.19
N ILE B 121 -2.66 -3.62 -11.57
CA ILE B 121 -1.79 -2.70 -12.30
C ILE B 121 -0.47 -3.33 -12.73
N SER B 122 -0.33 -4.63 -12.49
CA SER B 122 0.90 -5.34 -12.86
C SER B 122 0.62 -6.73 -13.39
N SER B 123 1.40 -7.15 -14.38
CA SER B 123 1.25 -8.49 -14.95
C SER B 123 2.41 -9.39 -14.54
N ASP B 124 3.11 -8.97 -13.49
CA ASP B 124 4.25 -9.74 -12.98
C ASP B 124 4.08 -10.12 -11.52
N ILE B 125 2.95 -9.75 -10.93
CA ILE B 125 2.68 -10.11 -9.54
C ILE B 125 1.18 -10.26 -9.28
N THR B 126 0.83 -11.23 -8.43
CA THR B 126 -0.57 -11.51 -8.11
C THR B 126 -0.73 -11.83 -6.63
N PHE B 127 -1.60 -11.07 -5.95
CA PHE B 127 -1.91 -11.32 -4.55
C PHE B 127 -3.26 -12.01 -4.41
N VAL B 128 -3.24 -13.26 -3.96
CA VAL B 128 -4.48 -13.98 -3.71
C VAL B 128 -4.98 -13.69 -2.29
N MET B 129 -6.07 -12.94 -2.19
CA MET B 129 -6.58 -12.49 -0.90
C MET B 129 -7.88 -13.19 -0.52
N SER B 130 -8.29 -14.17 -1.34
CA SER B 130 -9.55 -14.88 -1.11
C SER B 130 -9.46 -16.34 -1.52
N PHE B 131 -10.59 -17.03 -1.49
CA PHE B 131 -10.64 -18.43 -1.90
C PHE B 131 -10.90 -18.56 -3.39
N GLU B 132 -11.16 -17.43 -4.03
CA GLU B 132 -11.42 -17.41 -5.47
C GLU B 132 -10.15 -17.78 -6.24
N PRO B 133 -10.27 -18.78 -7.13
CA PRO B 133 -9.14 -19.22 -7.95
C PRO B 133 -8.71 -18.13 -8.94
N VAL B 134 -7.41 -18.02 -9.18
CA VAL B 134 -6.89 -17.01 -10.09
C VAL B 134 -6.01 -17.63 -11.16
N ASP B 135 -6.32 -17.33 -12.42
CA ASP B 135 -5.54 -17.83 -13.54
C ASP B 135 -4.42 -16.86 -13.88
N VAL B 136 -3.18 -17.32 -13.72
CA VAL B 136 -2.01 -16.49 -14.01
C VAL B 136 -1.23 -17.06 -15.19
N GLU B 137 -0.29 -16.27 -15.70
CA GLU B 137 0.52 -16.69 -16.84
C GLU B 137 2.00 -16.65 -16.46
N ALA B 138 2.69 -17.78 -16.62
CA ALA B 138 4.09 -17.88 -16.25
C ALA B 138 4.97 -17.14 -17.25
N LYS B 139 6.29 -17.23 -17.06
CA LYS B 139 7.24 -16.46 -17.87
C LYS B 139 7.26 -16.91 -19.33
N ARG B 140 7.21 -18.22 -19.56
CA ARG B 140 7.22 -18.76 -20.91
C ARG B 140 5.80 -18.99 -21.45
N GLY B 141 4.83 -18.31 -20.85
CA GLY B 141 3.47 -18.35 -21.35
C GLY B 141 2.61 -19.48 -20.82
N GLN B 142 3.12 -20.18 -19.80
CA GLN B 142 2.36 -21.29 -19.21
C GLN B 142 1.14 -20.76 -18.46
N LYS B 143 -0.03 -21.30 -18.78
CA LYS B 143 -1.26 -20.93 -18.09
C LYS B 143 -1.38 -21.71 -16.78
N VAL B 144 -1.39 -20.97 -15.66
CA VAL B 144 -1.43 -21.61 -14.35
C VAL B 144 -2.66 -21.16 -13.55
N ARG B 145 -3.45 -22.13 -13.11
CA ARG B 145 -4.61 -21.85 -12.28
C ARG B 145 -4.27 -22.03 -10.80
N ILE B 146 -4.30 -20.94 -10.05
CA ILE B 146 -3.98 -20.97 -8.63
C ILE B 146 -5.21 -21.30 -7.79
N LEU B 147 -5.08 -22.28 -6.91
CA LEU B 147 -6.15 -22.65 -5.99
C LEU B 147 -5.77 -22.22 -4.58
N PRO B 148 -6.17 -21.00 -4.19
CA PRO B 148 -5.76 -20.44 -2.90
C PRO B 148 -6.61 -20.94 -1.73
N PHE B 149 -5.95 -21.26 -0.63
CA PHE B 149 -6.63 -21.56 0.61
C PHE B 149 -6.00 -20.73 1.72
N PRO B 150 -6.30 -19.42 1.74
CA PRO B 150 -5.70 -18.52 2.73
C PRO B 150 -6.30 -18.75 4.11
N TYR B 151 -5.73 -18.13 5.13
CA TYR B 151 -6.34 -18.16 6.45
C TYR B 151 -7.65 -17.40 6.36
N PRO B 152 -8.79 -18.11 6.45
CA PRO B 152 -10.07 -17.42 6.29
C PRO B 152 -10.31 -16.51 7.49
N ASP B 153 -11.23 -15.57 7.41
CA ASP B 153 -11.46 -14.70 8.55
C ASP B 153 -12.80 -14.97 9.23
N GLU B 154 -13.48 -16.03 8.81
CA GLU B 154 -14.77 -16.37 9.39
C GLU B 154 -15.19 -17.85 9.31
N SER B 155 -14.43 -18.83 9.86
CA SER B 155 -13.15 -18.75 10.61
C SER B 155 -12.99 -17.83 11.82
N GLU B 156 -12.18 -16.80 11.69
CA GLU B 156 -11.89 -15.92 12.82
C GLU B 156 -13.16 -15.24 13.33
N ALA B 157 -14.12 -15.01 12.44
CA ALA B 157 -15.43 -14.48 12.86
C ALA B 157 -16.42 -15.62 13.08
N LEU B 158 -16.04 -16.85 12.78
CA LEU B 158 -16.88 -18.00 13.06
C LEU B 158 -16.08 -19.10 13.75
N ARG B 159 -15.90 -18.95 15.06
CA ARG B 159 -15.05 -19.83 15.87
C ARG B 159 -15.13 -21.34 15.54
N LYS B 160 -16.31 -21.97 15.57
CA LYS B 160 -17.60 -21.46 16.03
C LYS B 160 -18.25 -22.68 16.65
N ASN B 161 -18.79 -23.52 15.78
CA ASN B 161 -19.11 -24.89 16.12
C ASN B 161 -18.07 -25.78 15.43
N GLU B 162 -17.43 -26.66 16.18
CA GLU B 162 -16.34 -27.49 15.65
C GLU B 162 -16.79 -28.33 14.46
N GLY B 163 -17.98 -28.92 14.57
CA GLY B 163 -18.56 -29.71 13.50
C GLY B 163 -18.87 -28.90 12.25
N ASP B 164 -19.39 -27.68 12.45
CA ASP B 164 -19.72 -26.80 11.32
C ASP B 164 -18.47 -26.23 10.65
N PHE B 165 -17.48 -25.87 11.45
CA PHE B 165 -16.28 -25.24 10.93
C PHE B 165 -15.47 -26.20 10.05
N ARG B 166 -15.36 -27.44 10.50
CA ARG B 166 -14.68 -28.47 9.74
C ARG B 166 -15.43 -28.75 8.43
N PHE B 167 -16.75 -28.64 8.49
CA PHE B 167 -17.58 -28.82 7.30
C PHE B 167 -17.42 -27.63 6.36
N PHE B 168 -17.25 -26.44 6.95
CA PHE B 168 -17.01 -25.23 6.18
C PHE B 168 -15.72 -25.31 5.38
N LEU B 169 -14.64 -25.67 6.06
CA LEU B 169 -13.33 -25.79 5.44
C LEU B 169 -13.31 -26.88 4.37
N GLU B 170 -13.99 -27.98 4.66
CA GLU B 170 -14.04 -29.11 3.73
C GLU B 170 -14.84 -28.75 2.49
N SER B 171 -15.87 -27.92 2.68
CA SER B 171 -16.71 -27.48 1.56
C SER B 171 -15.92 -26.58 0.62
N ARG B 172 -15.04 -25.76 1.19
CA ARG B 172 -14.22 -24.85 0.40
C ARG B 172 -13.15 -25.63 -0.37
N LEU B 173 -12.67 -26.71 0.23
CA LEU B 173 -11.68 -27.57 -0.41
C LEU B 173 -12.29 -28.35 -1.57
N ASN B 174 -13.54 -28.79 -1.40
CA ASN B 174 -14.25 -29.48 -2.47
C ASN B 174 -14.52 -28.53 -3.63
N LYS B 175 -14.75 -27.27 -3.30
CA LYS B 175 -14.97 -26.23 -4.31
C LYS B 175 -13.71 -26.03 -5.14
N LEU B 176 -12.56 -25.94 -4.46
CA LEU B 176 -11.28 -25.77 -5.13
C LEU B 176 -10.97 -26.98 -5.99
N TYR B 177 -11.36 -28.16 -5.52
CA TYR B 177 -11.18 -29.39 -6.27
C TYR B 177 -11.98 -29.34 -7.56
N GLU B 178 -13.20 -28.85 -7.47
CA GLU B 178 -14.09 -28.74 -8.62
C GLU B 178 -13.58 -27.68 -9.59
N GLU B 179 -12.96 -26.64 -9.04
CA GLU B 179 -12.41 -25.56 -9.86
C GLU B 179 -11.07 -25.93 -10.48
N ALA B 180 -10.37 -26.86 -9.85
CA ALA B 180 -9.08 -27.32 -10.34
C ALA B 180 -9.25 -28.24 -11.54
N LEU B 181 -10.47 -28.75 -11.72
CA LEU B 181 -10.78 -29.61 -12.86
C LEU B 181 -10.82 -28.80 -14.15
N LYS B 182 -11.02 -27.50 -14.03
CA LYS B 182 -11.12 -26.62 -15.19
C LYS B 182 -9.78 -25.97 -15.53
N LYS B 183 -8.69 -26.67 -15.24
CA LYS B 183 -7.36 -26.13 -15.51
C LYS B 183 -7.02 -26.21 -17.00
N GLU B 184 -6.09 -25.37 -17.42
CA GLU B 184 -5.62 -25.39 -18.80
C GLU B 184 -4.32 -26.18 -18.90
N ASP B 185 -3.22 -25.53 -18.52
CA ASP B 185 -1.92 -26.20 -18.49
C ASP B 185 -1.63 -26.80 -17.12
N PHE B 186 -1.43 -25.94 -16.13
CA PHE B 186 -1.09 -26.39 -14.78
C PHE B 186 -2.04 -25.85 -13.73
N ALA B 187 -2.09 -26.52 -12.59
CA ALA B 187 -2.92 -26.10 -11.47
C ALA B 187 -2.12 -26.19 -10.17
N ILE B 188 -1.96 -25.06 -9.49
CA ILE B 188 -1.17 -25.01 -8.27
C ILE B 188 -2.04 -24.66 -7.05
N PHE B 189 -1.93 -25.46 -6.00
CA PHE B 189 -2.64 -25.20 -4.76
C PHE B 189 -1.75 -24.43 -3.79
N MET B 190 -2.32 -23.39 -3.18
CA MET B 190 -1.60 -22.61 -2.18
C MET B 190 -2.43 -22.46 -0.92
N GLY B 191 -1.90 -22.94 0.19
CA GLY B 191 -2.63 -22.92 1.45
C GLY B 191 -1.79 -22.41 2.61
N HIS B 192 -2.46 -21.79 3.57
CA HIS B 192 -1.79 -21.24 4.74
C HIS B 192 -2.38 -21.85 6.02
N PHE B 193 -1.99 -23.08 6.30
CA PHE B 193 -2.52 -23.80 7.46
C PHE B 193 -1.52 -24.82 8.00
N THR B 194 -1.99 -25.70 8.88
CA THR B 194 -1.15 -26.73 9.46
C THR B 194 -1.68 -28.12 9.16
N VAL B 195 -0.86 -28.93 8.48
CA VAL B 195 -1.24 -30.30 8.14
C VAL B 195 -1.32 -31.16 9.39
N GLU B 196 -2.42 -31.91 9.51
CA GLU B 196 -2.63 -32.79 10.65
C GLU B 196 -1.61 -33.92 10.70
N GLY B 197 -1.11 -34.22 11.90
CA GLY B 197 -0.18 -35.32 12.09
C GLY B 197 1.27 -34.88 12.09
N LEU B 198 1.58 -33.86 12.87
CA LEU B 198 2.95 -33.36 12.96
C LEU B 198 3.44 -33.42 14.42
N ALA B 199 4.55 -34.12 14.65
CA ALA B 199 5.09 -34.26 15.99
C ALA B 199 6.56 -33.83 16.13
N GLY B 200 7.26 -33.70 15.01
CA GLY B 200 8.64 -33.26 15.02
C GLY B 200 8.82 -31.86 14.47
N TYR B 201 8.53 -30.85 15.28
CA TYR B 201 8.64 -29.45 14.92
C TYR B 201 8.00 -29.03 13.57
N ALA B 202 6.67 -28.95 13.47
CA ALA B 202 5.64 -29.36 14.46
C ALA B 202 5.68 -28.73 15.84
N GLY B 203 5.64 -27.41 15.89
CA GLY B 203 5.61 -26.71 17.16
C GLY B 203 4.52 -25.68 17.17
N ILE B 204 4.06 -25.32 18.37
CA ILE B 204 3.21 -24.15 18.59
C ILE B 204 3.91 -22.93 18.00
N GLU B 205 3.18 -21.87 17.64
CA GLU B 205 1.77 -21.66 17.95
C GLU B 205 0.82 -22.27 16.90
N GLN B 206 -0.40 -22.70 17.27
CA GLN B 206 -1.07 -22.68 18.60
C GLN B 206 -1.16 -21.39 19.42
N GLY B 207 -2.06 -20.48 19.03
CA GLY B 207 -2.99 -20.71 17.93
C GLY B 207 -4.39 -21.01 18.42
N ARG B 208 -5.46 -20.68 17.67
CA ARG B 208 -5.46 -20.05 16.33
C ARG B 208 -4.88 -20.91 15.18
N GLU B 209 -4.46 -22.12 15.51
CA GLU B 209 -3.89 -23.02 14.52
C GLU B 209 -4.97 -23.85 13.82
N ILE B 210 -5.24 -23.52 12.57
CA ILE B 210 -6.21 -24.27 11.77
C ILE B 210 -5.59 -25.54 11.23
N ILE B 211 -6.19 -26.68 11.56
CA ILE B 211 -5.65 -27.99 11.19
C ILE B 211 -6.44 -28.64 10.05
N ILE B 212 -5.74 -29.00 8.98
CA ILE B 212 -6.35 -29.63 7.82
C ILE B 212 -5.69 -30.97 7.53
N ASN B 213 -6.49 -32.00 7.32
CA ASN B 213 -5.97 -33.31 6.97
C ASN B 213 -5.38 -33.30 5.56
N ARG B 214 -4.23 -33.95 5.39
CA ARG B 214 -3.49 -33.89 4.13
C ARG B 214 -4.21 -34.55 2.95
N ALA B 215 -5.18 -35.40 3.25
CA ALA B 215 -5.95 -36.08 2.20
C ALA B 215 -7.03 -35.15 1.64
N LEU B 216 -7.33 -34.09 2.37
CA LEU B 216 -8.35 -33.12 1.94
C LEU B 216 -7.80 -32.16 0.89
N ILE B 217 -6.47 -32.16 0.73
CA ILE B 217 -5.84 -31.37 -0.32
C ILE B 217 -6.17 -31.98 -1.68
N PRO B 218 -6.74 -31.17 -2.59
CA PRO B 218 -7.14 -31.60 -3.94
C PRO B 218 -6.02 -32.32 -4.66
N SER B 219 -6.23 -33.59 -4.96
CA SER B 219 -5.21 -34.43 -5.60
C SER B 219 -5.09 -34.14 -7.10
N VAL B 220 -5.99 -33.32 -7.63
CA VAL B 220 -5.99 -33.02 -9.05
C VAL B 220 -5.04 -31.87 -9.41
N VAL B 221 -4.36 -31.33 -8.41
CA VAL B 221 -3.38 -30.26 -8.65
C VAL B 221 -2.00 -30.84 -8.93
N ASP B 222 -1.15 -30.06 -9.59
CA ASP B 222 0.19 -30.50 -9.93
C ASP B 222 1.16 -30.29 -8.76
N TYR B 223 0.84 -29.33 -7.90
CA TYR B 223 1.71 -29.01 -6.77
C TYR B 223 0.94 -28.26 -5.69
N ALA B 224 1.26 -28.55 -4.43
CA ALA B 224 0.61 -27.89 -3.29
C ALA B 224 1.62 -27.09 -2.47
N ALA B 225 1.54 -25.78 -2.58
CA ALA B 225 2.46 -24.89 -1.88
C ALA B 225 1.90 -24.45 -0.53
N LEU B 226 2.62 -24.78 0.54
CA LEU B 226 2.17 -24.42 1.88
C LEU B 226 3.20 -23.56 2.62
N GLY B 227 2.76 -22.90 3.69
CA GLY B 227 3.63 -22.05 4.49
C GLY B 227 3.33 -22.17 5.97
N HIS B 228 3.70 -21.14 6.72
CA HIS B 228 3.44 -21.04 8.17
C HIS B 228 4.35 -21.92 9.04
N ILE B 229 5.00 -22.91 8.45
CA ILE B 229 5.90 -23.79 9.20
C ILE B 229 7.36 -23.42 9.01
N HIS B 230 8.09 -23.31 10.12
CA HIS B 230 9.50 -22.91 10.10
C HIS B 230 10.42 -23.96 9.48
N SER B 231 10.07 -25.23 9.68
CA SER B 231 10.94 -26.33 9.23
C SER B 231 10.45 -26.93 7.92
N PHE B 232 11.40 -27.35 7.09
CA PHE B 232 11.08 -28.01 5.82
C PHE B 232 10.37 -29.33 6.06
N ARG B 233 9.24 -29.51 5.39
CA ARG B 233 8.47 -30.75 5.50
C ARG B 233 7.93 -31.20 4.16
N GLU B 234 8.15 -32.48 3.84
CA GLU B 234 7.54 -33.08 2.66
C GLU B 234 6.33 -33.90 3.09
N ILE B 235 5.15 -33.29 3.00
CA ILE B 235 3.93 -33.93 3.46
C ILE B 235 3.59 -35.19 2.68
N GLN B 236 3.50 -35.06 1.35
CA GLN B 236 3.16 -36.18 0.49
C GLN B 236 3.65 -35.96 -0.93
N LYS B 237 3.72 -37.04 -1.71
CA LYS B 237 4.22 -36.95 -3.09
C LYS B 237 3.09 -36.94 -4.12
N GLN B 238 1.88 -37.25 -3.68
CA GLN B 238 0.73 -37.26 -4.59
C GLN B 238 -0.54 -36.75 -3.89
N PRO B 239 -0.85 -35.46 -4.08
CA PRO B 239 -0.06 -34.51 -4.87
C PRO B 239 1.13 -33.99 -4.07
N LEU B 240 2.17 -33.54 -4.77
CA LEU B 240 3.40 -33.06 -4.12
C LEU B 240 3.11 -31.87 -3.20
N THR B 241 3.25 -32.10 -1.90
CA THR B 241 2.96 -31.08 -0.90
C THR B 241 4.21 -30.79 -0.08
N ILE B 242 4.68 -29.55 -0.15
CA ILE B 242 5.95 -29.18 0.46
C ILE B 242 5.92 -27.89 1.28
N TYR B 243 6.36 -27.97 2.53
CA TYR B 243 6.68 -26.79 3.32
C TYR B 243 8.14 -26.46 3.10
N PRO B 244 8.43 -25.30 2.50
CA PRO B 244 9.82 -24.91 2.26
C PRO B 244 10.57 -24.65 3.55
N GLY B 245 9.89 -24.02 4.51
CA GLY B 245 10.52 -23.64 5.77
C GLY B 245 11.06 -22.23 5.71
N SER B 246 11.73 -21.81 6.79
CA SER B 246 12.31 -20.47 6.84
C SER B 246 13.68 -20.45 6.17
N LEU B 247 14.24 -19.25 6.00
CA LEU B 247 15.55 -19.10 5.36
C LEU B 247 16.67 -19.00 6.39
N ILE B 248 16.31 -18.73 7.63
CA ILE B 248 17.27 -18.71 8.72
C ILE B 248 16.77 -19.55 9.89
N ARG B 249 17.70 -19.96 10.76
CA ARG B 249 17.33 -20.69 11.96
C ARG B 249 16.87 -19.71 13.03
N ILE B 250 15.55 -19.51 13.09
CA ILE B 250 14.95 -18.51 13.96
C ILE B 250 15.20 -18.79 15.44
N ASP B 251 15.05 -20.05 15.83
CA ASP B 251 15.34 -20.45 17.21
C ASP B 251 16.04 -21.80 17.25
N PHE B 252 16.45 -22.22 18.45
CA PHE B 252 17.27 -23.42 18.61
C PHE B 252 16.50 -24.73 18.39
N GLY B 253 15.19 -24.62 18.17
CA GLY B 253 14.39 -25.78 17.81
C GLY B 253 14.68 -26.18 16.37
N GLU B 254 15.26 -25.25 15.63
CA GLU B 254 15.60 -25.47 14.23
C GLU B 254 17.10 -25.65 14.06
N GLU B 255 17.76 -26.06 15.14
CA GLU B 255 19.20 -26.22 15.18
C GLU B 255 19.72 -27.23 14.16
N ALA B 256 18.99 -28.33 14.01
CA ALA B 256 19.41 -29.41 13.12
C ALA B 256 18.81 -29.28 11.72
N ASP B 257 18.00 -28.24 11.52
CA ASP B 257 17.33 -28.05 10.23
C ASP B 257 18.26 -27.46 9.18
N GLU B 258 18.00 -27.81 7.91
CA GLU B 258 18.70 -27.21 6.79
C GLU B 258 17.76 -26.19 6.14
N LYS B 259 18.19 -24.93 6.11
CA LYS B 259 17.31 -23.86 5.65
C LYS B 259 17.52 -23.52 4.18
N GLY B 260 16.44 -23.15 3.50
CA GLY B 260 16.50 -22.75 2.11
C GLY B 260 15.16 -22.75 1.41
N ALA B 261 15.19 -22.70 0.08
CA ALA B 261 13.98 -22.69 -0.72
C ALA B 261 13.79 -24.01 -1.46
N VAL B 262 12.75 -24.08 -2.29
CA VAL B 262 12.43 -25.29 -3.03
C VAL B 262 12.33 -25.03 -4.53
N PHE B 263 13.03 -25.84 -5.32
CA PHE B 263 12.97 -25.74 -6.77
C PHE B 263 12.17 -26.90 -7.36
N VAL B 264 11.02 -26.58 -7.92
CA VAL B 264 10.11 -27.62 -8.44
C VAL B 264 10.00 -27.56 -9.96
N GLU B 265 10.12 -28.72 -10.60
CA GLU B 265 9.94 -28.83 -12.04
C GLU B 265 8.68 -29.65 -12.36
N LEU B 266 7.82 -29.09 -13.21
CA LEU B 266 6.60 -29.76 -13.60
C LEU B 266 6.63 -30.18 -15.08
N LYS B 267 5.85 -31.20 -15.41
CA LYS B 267 5.76 -31.69 -16.78
C LYS B 267 4.45 -32.45 -16.97
N ARG B 268 3.69 -32.04 -17.99
CA ARG B 268 2.40 -32.67 -18.28
C ARG B 268 2.58 -34.15 -18.66
N GLY B 269 2.08 -35.04 -17.80
CA GLY B 269 2.15 -36.46 -18.07
C GLY B 269 3.31 -37.15 -17.38
N GLU B 270 3.99 -36.43 -16.50
CA GLU B 270 5.13 -37.00 -15.78
C GLU B 270 5.09 -36.64 -14.30
N PRO B 271 5.62 -37.52 -13.45
CA PRO B 271 5.73 -37.25 -12.00
C PRO B 271 6.62 -36.05 -11.74
N PRO B 272 6.15 -35.10 -10.92
CA PRO B 272 6.90 -33.88 -10.60
C PRO B 272 8.12 -34.17 -9.74
N ARG B 273 9.24 -33.53 -10.04
CA ARG B 273 10.46 -33.68 -9.25
C ARG B 273 10.82 -32.36 -8.59
N TYR B 274 11.61 -32.42 -7.53
CA TYR B 274 12.03 -31.21 -6.83
C TYR B 274 13.39 -31.39 -6.16
N GLU B 275 14.01 -30.26 -5.79
CA GLU B 275 15.27 -30.26 -5.06
C GLU B 275 15.38 -29.01 -4.20
N ARG B 276 16.03 -29.15 -3.05
CA ARG B 276 16.14 -28.03 -2.11
C ARG B 276 17.29 -27.11 -2.47
N ILE B 277 17.09 -25.81 -2.28
CA ILE B 277 18.12 -24.82 -2.52
C ILE B 277 18.64 -24.28 -1.20
N ASP B 278 19.82 -24.74 -0.79
CA ASP B 278 20.39 -24.37 0.50
C ASP B 278 20.76 -22.89 0.54
N ALA B 279 20.18 -22.17 1.50
CA ALA B 279 20.46 -20.76 1.68
C ALA B 279 21.68 -20.57 2.58
N SER B 280 22.00 -21.61 3.34
CA SER B 280 23.16 -21.62 4.25
C SER B 280 23.20 -20.42 5.19
N PRO B 281 22.26 -20.37 6.16
CA PRO B 281 22.29 -19.29 7.15
C PRO B 281 23.28 -19.62 8.26
N LEU B 282 23.35 -18.78 9.28
CA LEU B 282 24.25 -19.03 10.40
C LEU B 282 23.81 -20.26 11.18
N PRO B 283 24.78 -21.06 11.65
CA PRO B 283 24.49 -22.28 12.40
C PRO B 283 24.13 -22.00 13.85
N LEU B 284 23.46 -22.95 14.49
CA LEU B 284 23.15 -22.85 15.91
C LEU B 284 23.73 -24.05 16.64
N LYS B 285 24.08 -23.86 17.91
CA LYS B 285 24.63 -24.95 18.70
C LYS B 285 24.18 -24.86 20.16
N THR B 286 23.77 -25.98 20.72
CA THR B 286 23.37 -26.04 22.12
C THR B 286 24.34 -26.90 22.92
N LEU B 287 24.96 -26.29 23.93
CA LEU B 287 25.91 -27.00 24.78
C LEU B 287 25.20 -27.53 26.02
N TYR B 288 25.25 -28.85 26.21
CA TYR B 288 24.59 -29.49 27.34
C TYR B 288 25.58 -29.89 28.43
N TYR B 289 25.45 -29.27 29.60
CA TYR B 289 26.30 -29.59 30.74
C TYR B 289 25.48 -30.11 31.92
N LYS B 290 26.10 -30.94 32.76
CA LYS B 290 25.46 -31.42 33.96
C LYS B 290 25.43 -30.31 35.01
N LYS B 291 26.57 -29.64 35.16
CA LYS B 291 26.68 -28.51 36.07
C LYS B 291 27.75 -27.56 35.57
N ILE B 292 27.60 -26.27 35.90
CA ILE B 292 28.56 -25.26 35.46
C ILE B 292 29.70 -25.09 36.45
N ASP B 293 30.83 -25.71 36.16
CA ASP B 293 32.02 -25.56 37.00
C ASP B 293 33.09 -24.76 36.25
N THR B 294 34.29 -24.70 36.83
CA THR B 294 35.39 -23.97 36.22
C THR B 294 35.84 -24.62 34.91
N SER B 295 35.70 -25.94 34.83
CA SER B 295 36.07 -26.68 33.63
C SER B 295 35.08 -26.41 32.51
N ALA B 296 33.80 -26.40 32.84
CA ALA B 296 32.75 -26.14 31.86
C ALA B 296 32.78 -24.68 31.41
N LEU B 297 33.11 -23.79 32.35
CA LEU B 297 33.17 -22.37 32.07
C LEU B 297 34.25 -22.07 31.03
N LYS B 298 35.37 -22.77 31.14
CA LYS B 298 36.44 -22.65 30.15
C LYS B 298 35.98 -23.25 28.82
N SER B 299 35.29 -24.38 28.90
CA SER B 299 34.81 -25.07 27.71
C SER B 299 33.81 -24.23 26.92
N ILE B 300 32.98 -23.47 27.63
CA ILE B 300 31.99 -22.61 26.99
C ILE B 300 32.66 -21.43 26.28
N ARG B 301 33.57 -20.75 26.98
CA ARG B 301 34.27 -19.60 26.42
C ARG B 301 35.10 -19.99 25.20
N ASP B 302 35.70 -21.16 25.24
CA ASP B 302 36.55 -21.64 24.15
C ASP B 302 35.76 -21.96 22.89
N PHE B 303 34.60 -22.59 23.06
CA PHE B 303 33.78 -23.00 21.92
C PHE B 303 33.15 -21.81 21.22
N CYS B 304 32.75 -20.80 21.99
CA CYS B 304 32.08 -19.64 21.44
C CYS B 304 32.99 -18.78 20.57
N ARG B 305 34.28 -18.77 20.87
CA ARG B 305 35.25 -17.99 20.11
C ARG B 305 35.59 -18.64 18.77
N ASN B 306 35.30 -19.93 18.66
CA ASN B 306 35.59 -20.68 17.44
C ASN B 306 34.33 -21.00 16.64
N PHE B 307 33.21 -20.44 17.06
CA PHE B 307 31.92 -20.73 16.43
C PHE B 307 31.34 -19.50 15.76
N PRO B 308 31.14 -19.58 14.43
CA PRO B 308 30.63 -18.46 13.63
C PRO B 308 29.14 -18.18 13.84
N GLY B 309 28.41 -19.16 14.38
CA GLY B 309 26.98 -19.00 14.62
C GLY B 309 26.65 -18.63 16.04
N TYR B 310 25.41 -18.85 16.44
CA TYR B 310 24.96 -18.51 17.79
C TYR B 310 24.89 -19.75 18.68
N VAL B 311 25.12 -19.56 19.98
CA VAL B 311 25.23 -20.66 20.91
C VAL B 311 24.26 -20.55 22.07
N ARG B 312 23.62 -21.67 22.43
CA ARG B 312 22.80 -21.77 23.63
C ARG B 312 23.46 -22.74 24.60
N VAL B 313 23.39 -22.42 25.89
CA VAL B 313 23.92 -23.32 26.91
C VAL B 313 22.87 -23.65 27.96
N VAL B 314 22.47 -24.92 28.01
CA VAL B 314 21.56 -25.38 29.05
C VAL B 314 22.31 -26.28 30.03
N TYR B 315 21.90 -26.27 31.29
CA TYR B 315 22.55 -27.08 32.31
C TYR B 315 21.55 -27.58 33.34
N GLU B 316 21.86 -28.71 33.96
CA GLU B 316 20.93 -29.38 34.86
C GLU B 316 21.03 -28.89 36.30
N GLU B 317 22.14 -29.20 36.96
CA GLU B 317 22.33 -28.85 38.36
C GLU B 317 22.58 -27.35 38.54
N ASP B 318 21.89 -26.75 39.50
CA ASP B 318 22.09 -25.33 39.81
C ASP B 318 23.48 -25.11 40.38
N SER B 319 24.32 -24.42 39.61
CA SER B 319 25.71 -24.20 39.99
C SER B 319 25.89 -22.87 40.72
N GLY B 320 24.81 -22.37 41.32
CA GLY B 320 24.85 -21.12 42.04
C GLY B 320 24.93 -19.93 41.11
N ILE B 321 25.79 -18.97 41.45
CA ILE B 321 25.95 -17.77 40.64
C ILE B 321 27.15 -17.85 39.69
N LEU B 322 26.86 -17.93 38.40
CA LEU B 322 27.91 -17.93 37.38
C LEU B 322 28.17 -16.51 36.89
N PRO B 323 29.39 -16.26 36.36
CA PRO B 323 29.70 -14.92 35.87
C PRO B 323 28.79 -14.50 34.71
N ASP B 324 28.69 -13.21 34.48
CA ASP B 324 27.81 -12.67 33.44
C ASP B 324 28.23 -13.13 32.05
N LEU B 325 27.91 -14.39 31.73
CA LEU B 325 28.27 -14.97 30.44
C LEU B 325 27.56 -14.26 29.30
N MET B 326 26.30 -13.91 29.51
CA MET B 326 25.55 -13.10 28.55
C MET B 326 25.84 -11.62 28.78
N GLY B 327 27.12 -11.27 28.83
CA GLY B 327 27.56 -9.91 29.03
C GLY B 327 29.02 -9.80 28.65
N GLU B 328 29.72 -10.93 28.68
CA GLU B 328 31.12 -10.99 28.26
C GLU B 328 31.24 -11.77 26.95
N ILE B 329 30.34 -12.72 26.75
CA ILE B 329 30.34 -13.52 25.54
C ILE B 329 29.28 -13.02 24.58
N ASP B 330 29.73 -12.40 23.48
CA ASP B 330 28.82 -11.83 22.50
C ASP B 330 28.18 -12.92 21.65
N ASN B 331 28.66 -14.14 21.78
CA ASN B 331 28.19 -15.27 20.99
C ASN B 331 27.08 -16.05 21.69
N LEU B 332 27.15 -16.10 23.01
CA LEU B 332 26.15 -16.79 23.81
C LEU B 332 24.87 -15.97 23.87
N VAL B 333 23.76 -16.54 23.40
CA VAL B 333 22.51 -15.80 23.30
C VAL B 333 21.43 -16.26 24.27
N LYS B 334 21.55 -17.47 24.80
CA LYS B 334 20.55 -17.99 25.73
C LYS B 334 21.10 -19.00 26.72
N ILE B 335 20.67 -18.90 27.97
CA ILE B 335 21.04 -19.85 29.01
C ILE B 335 19.79 -20.42 29.68
N GLU B 336 19.66 -21.74 29.67
CA GLU B 336 18.49 -22.39 30.26
C GLU B 336 18.88 -23.28 31.45
#